data_245D
# 
_entry.id   245D 
# 
_audit_conform.dict_name       mmcif_pdbx.dic 
_audit_conform.dict_version    5.387 
_audit_conform.dict_location   http://mmcif.pdb.org/dictionaries/ascii/mmcif_pdbx.dic 
# 
loop_
_database_2.database_id 
_database_2.database_code 
_database_2.pdbx_database_accession 
_database_2.pdbx_DOI 
PDB   245D         pdb_0000245d 10.2210/pdb245d/pdb 
RCSB  DDF063       ?            ?                   
WWPDB D_1000177641 ?            ?                   
# 
loop_
_pdbx_audit_revision_history.ordinal 
_pdbx_audit_revision_history.data_content_type 
_pdbx_audit_revision_history.major_revision 
_pdbx_audit_revision_history.minor_revision 
_pdbx_audit_revision_history.revision_date 
1 'Structure model' 1 0 1996-02-07 
2 'Structure model' 1 1 2008-05-22 
3 'Structure model' 1 2 2011-07-13 
4 'Structure model' 1 3 2024-02-14 
# 
_pdbx_audit_revision_details.ordinal             1 
_pdbx_audit_revision_details.revision_ordinal    1 
_pdbx_audit_revision_details.data_content_type   'Structure model' 
_pdbx_audit_revision_details.provider            repository 
_pdbx_audit_revision_details.type                'Initial release' 
_pdbx_audit_revision_details.description         ? 
_pdbx_audit_revision_details.details             ? 
# 
loop_
_pdbx_audit_revision_group.ordinal 
_pdbx_audit_revision_group.revision_ordinal 
_pdbx_audit_revision_group.data_content_type 
_pdbx_audit_revision_group.group 
1 2 'Structure model' 'Version format compliance' 
2 3 'Structure model' 'Version format compliance' 
3 4 'Structure model' 'Data collection'           
4 4 'Structure model' 'Database references'       
5 4 'Structure model' 'Derived calculations'      
# 
loop_
_pdbx_audit_revision_category.ordinal 
_pdbx_audit_revision_category.revision_ordinal 
_pdbx_audit_revision_category.data_content_type 
_pdbx_audit_revision_category.category 
1 4 'Structure model' chem_comp_atom 
2 4 'Structure model' chem_comp_bond 
3 4 'Structure model' database_2     
4 4 'Structure model' struct_site    
# 
loop_
_pdbx_audit_revision_item.ordinal 
_pdbx_audit_revision_item.revision_ordinal 
_pdbx_audit_revision_item.data_content_type 
_pdbx_audit_revision_item.item 
1 4 'Structure model' '_database_2.pdbx_DOI'                
2 4 'Structure model' '_database_2.pdbx_database_accession' 
3 4 'Structure model' '_struct_site.pdbx_auth_asym_id'      
4 4 'Structure model' '_struct_site.pdbx_auth_comp_id'      
5 4 'Structure model' '_struct_site.pdbx_auth_seq_id'       
# 
_pdbx_database_status.status_code                     REL 
_pdbx_database_status.entry_id                        245D 
_pdbx_database_status.recvd_initial_deposition_date   1996-01-12 
_pdbx_database_status.deposit_site                    NDB 
_pdbx_database_status.process_site                    NDB 
_pdbx_database_status.SG_entry                        . 
_pdbx_database_status.pdb_format_compatible           Y 
_pdbx_database_status.status_code_mr                  ? 
_pdbx_database_status.status_code_sf                  ? 
_pdbx_database_status.status_code_cs                  ? 
_pdbx_database_status.status_code_nmr_data            ? 
_pdbx_database_status.methods_development_category    ? 
# 
loop_
_audit_author.name 
_audit_author.pdbx_ordinal 
'Schuerman, G.S.'  1 
'Smith, C.K.'      2 
'Turkenburg, J.P.' 3 
'Dettmar, A.N.'    4 
'Van Meervelt, L.' 5 
'Moore, M.H.'      6 
# 
loop_
_citation.id 
_citation.title 
_citation.journal_abbrev 
_citation.journal_volume 
_citation.page_first 
_citation.page_last 
_citation.year 
_citation.journal_id_ASTM 
_citation.country 
_citation.journal_id_ISSN 
_citation.journal_id_CSD 
_citation.book_publisher 
_citation.pdbx_database_id_PubMed 
_citation.pdbx_database_id_DOI 
primary 
;DNA-drug refinement: a comparison of the programs NUCLSQ, PROLSQ, SHELXL93 and X-PLOR, using the low-temperature d(TGATCA)-nogalamycin structure.
;
'Acta Crystallogr.,Sect.D' 52 299 314 1996 ABCRE6 DK 0907-4449 0766 ? 15299703 10.1107/S0907444995012261 
1       'DNA-Nogalamycin Interactions: The Crystal Structure of d(TGATCA) Complexed with Nogalamycin' Biochemistry               
34 415 425 1995 BICHAW US 0006-2960 0033 ? ?        ?                         
# 
loop_
_citation_author.citation_id 
_citation_author.name 
_citation_author.ordinal 
_citation_author.identifier_ORCID 
primary 'Schuerman, G.S.'  1  ? 
primary 'Smith, C.K.'      2  ? 
primary 'Turkenburg, J.P.' 3  ? 
primary 'Dettmar, A.N.'    4  ? 
primary 'Van Meervelt, L.' 5  ? 
primary 'Moore, M.H.'      6  ? 
1       'Smith, C.K.'      7  ? 
1       'Davies, G.J.'     8  ? 
1       'Dodson, E.J.'     9  ? 
1       'Moore, M.H.'      10 ? 
# 
loop_
_entity.id 
_entity.type 
_entity.src_method 
_entity.pdbx_description 
_entity.formula_weight 
_entity.pdbx_number_of_molecules 
_entity.pdbx_ec 
_entity.pdbx_mutation 
_entity.pdbx_fragment 
_entity.details 
1 polymer     syn 
;DNA (5'-D(*TP*GP*AP*TP*CP*A)-3')
;
1808.229 2  ? ? ? ? 
2 non-polymer syn NOGALAMYCIN                        787.803  2  ? ? ? ? 
3 water       nat water                              18.015   66 ? ? ? ? 
# 
_entity_poly.entity_id                      1 
_entity_poly.type                           polydeoxyribonucleotide 
_entity_poly.nstd_linkage                   no 
_entity_poly.nstd_monomer                   no 
_entity_poly.pdbx_seq_one_letter_code       '(DT)(DG)(DA)(DT)(DC)(DA)' 
_entity_poly.pdbx_seq_one_letter_code_can   TGATCA 
_entity_poly.pdbx_strand_id                 A,B 
_entity_poly.pdbx_target_identifier         ? 
# 
loop_
_pdbx_entity_nonpoly.entity_id 
_pdbx_entity_nonpoly.name 
_pdbx_entity_nonpoly.comp_id 
2 NOGALAMYCIN NGM 
3 water       HOH 
# 
loop_
_entity_poly_seq.entity_id 
_entity_poly_seq.num 
_entity_poly_seq.mon_id 
_entity_poly_seq.hetero 
1 1 DT n 
1 2 DG n 
1 3 DA n 
1 4 DT n 
1 5 DC n 
1 6 DA n 
# 
loop_
_chem_comp.id 
_chem_comp.type 
_chem_comp.mon_nstd_flag 
_chem_comp.name 
_chem_comp.pdbx_synonyms 
_chem_comp.formula 
_chem_comp.formula_weight 
DA  'DNA linking' y "2'-DEOXYADENOSINE-5'-MONOPHOSPHATE" ? 'C10 H14 N5 O6 P' 331.222 
DC  'DNA linking' y "2'-DEOXYCYTIDINE-5'-MONOPHOSPHATE"  ? 'C9 H14 N3 O7 P'  307.197 
DG  'DNA linking' y "2'-DEOXYGUANOSINE-5'-MONOPHOSPHATE" ? 'C10 H14 N5 O7 P' 347.221 
DT  'DNA linking' y "THYMIDINE-5'-MONOPHOSPHATE"         ? 'C10 H15 N2 O8 P' 322.208 
HOH non-polymer   . WATER                                ? 'H2 O'            18.015  
NGM non-polymer   . NOGALAMYCIN                          ? 'C39 H49 N O16'   787.803 
# 
loop_
_pdbx_poly_seq_scheme.asym_id 
_pdbx_poly_seq_scheme.entity_id 
_pdbx_poly_seq_scheme.seq_id 
_pdbx_poly_seq_scheme.mon_id 
_pdbx_poly_seq_scheme.ndb_seq_num 
_pdbx_poly_seq_scheme.pdb_seq_num 
_pdbx_poly_seq_scheme.auth_seq_num 
_pdbx_poly_seq_scheme.pdb_mon_id 
_pdbx_poly_seq_scheme.auth_mon_id 
_pdbx_poly_seq_scheme.pdb_strand_id 
_pdbx_poly_seq_scheme.pdb_ins_code 
_pdbx_poly_seq_scheme.hetero 
A 1 1 DT 1 1  1  DT T A . n 
A 1 2 DG 2 2  2  DG G A . n 
A 1 3 DA 3 3  3  DA A A . n 
A 1 4 DT 4 4  4  DT T A . n 
A 1 5 DC 5 5  5  DC C A . n 
A 1 6 DA 6 6  6  DA A A . n 
B 1 1 DT 1 7  7  DT T B . n 
B 1 2 DG 2 8  8  DG G B . n 
B 1 3 DA 3 9  9  DA A B . n 
B 1 4 DT 4 10 10 DT T B . n 
B 1 5 DC 5 11 11 DC C B . n 
B 1 6 DA 6 12 12 DA A B . n 
# 
loop_
_pdbx_nonpoly_scheme.asym_id 
_pdbx_nonpoly_scheme.entity_id 
_pdbx_nonpoly_scheme.mon_id 
_pdbx_nonpoly_scheme.ndb_seq_num 
_pdbx_nonpoly_scheme.pdb_seq_num 
_pdbx_nonpoly_scheme.auth_seq_num 
_pdbx_nonpoly_scheme.pdb_mon_id 
_pdbx_nonpoly_scheme.auth_mon_id 
_pdbx_nonpoly_scheme.pdb_strand_id 
_pdbx_nonpoly_scheme.pdb_ins_code 
C 2 NGM 1  14 14 NGM NGM A . 
D 2 NGM 1  13 13 NGM NGM B . 
E 3 HOH 1  16 16 HOH HOH A . 
E 3 HOH 2  18 18 HOH HOH A . 
E 3 HOH 3  19 19 HOH HOH A . 
E 3 HOH 4  20 20 HOH HOH A . 
E 3 HOH 5  21 21 HOH HOH A . 
E 3 HOH 6  22 22 HOH HOH A . 
E 3 HOH 7  24 24 HOH HOH A . 
E 3 HOH 8  25 25 HOH HOH A . 
E 3 HOH 9  29 29 HOH HOH A . 
E 3 HOH 10 31 31 HOH HOH A . 
E 3 HOH 11 32 32 HOH HOH A . 
E 3 HOH 12 33 33 HOH HOH A . 
E 3 HOH 13 34 34 HOH HOH A . 
E 3 HOH 14 35 35 HOH HOH A . 
E 3 HOH 15 36 36 HOH HOH A . 
E 3 HOH 16 37 37 HOH HOH A . 
E 3 HOH 17 42 42 HOH HOH A . 
E 3 HOH 18 43 43 HOH HOH A . 
E 3 HOH 19 44 44 HOH HOH A . 
E 3 HOH 20 47 47 HOH HOH A . 
E 3 HOH 21 48 48 HOH HOH A . 
E 3 HOH 22 51 51 HOH HOH A . 
E 3 HOH 23 52 52 HOH HOH A . 
E 3 HOH 24 53 53 HOH HOH A . 
E 3 HOH 25 54 54 HOH HOH A . 
E 3 HOH 26 55 55 HOH HOH A . 
E 3 HOH 27 58 58 HOH HOH A . 
E 3 HOH 28 59 59 HOH HOH A . 
E 3 HOH 29 60 60 HOH HOH A . 
E 3 HOH 30 61 61 HOH HOH A . 
E 3 HOH 31 63 63 HOH HOH A . 
E 3 HOH 32 66 66 HOH HOH A . 
E 3 HOH 33 67 67 HOH HOH A . 
E 3 HOH 34 68 68 HOH HOH A . 
E 3 HOH 35 69 69 HOH HOH A . 
E 3 HOH 36 72 72 HOH HOH A . 
E 3 HOH 37 73 73 HOH HOH A . 
E 3 HOH 38 74 74 HOH HOH A . 
E 3 HOH 39 76 76 HOH HOH A . 
E 3 HOH 40 77 77 HOH HOH A . 
E 3 HOH 41 78 78 HOH HOH A . 
E 3 HOH 42 79 79 HOH HOH A . 
E 3 HOH 43 80 80 HOH HOH A . 
F 3 HOH 1  15 15 HOH HOH B . 
F 3 HOH 2  17 17 HOH HOH B . 
F 3 HOH 3  23 23 HOH HOH B . 
F 3 HOH 4  26 26 HOH HOH B . 
F 3 HOH 5  27 27 HOH HOH B . 
F 3 HOH 6  28 28 HOH HOH B . 
F 3 HOH 7  30 30 HOH HOH B . 
F 3 HOH 8  38 38 HOH HOH B . 
F 3 HOH 9  39 39 HOH HOH B . 
F 3 HOH 10 40 40 HOH HOH B . 
F 3 HOH 11 41 41 HOH HOH B . 
F 3 HOH 12 45 45 HOH HOH B . 
F 3 HOH 13 46 46 HOH HOH B . 
F 3 HOH 14 49 49 HOH HOH B . 
F 3 HOH 15 50 50 HOH HOH B . 
F 3 HOH 16 56 56 HOH HOH B . 
F 3 HOH 17 57 57 HOH HOH B . 
F 3 HOH 18 62 62 HOH HOH B . 
F 3 HOH 19 64 64 HOH HOH B . 
F 3 HOH 20 65 65 HOH HOH B . 
F 3 HOH 21 70 70 HOH HOH B . 
F 3 HOH 22 71 71 HOH HOH B . 
F 3 HOH 23 75 75 HOH HOH B . 
# 
loop_
_software.name 
_software.classification 
_software.version 
_software.citation_id 
_software.pdbx_ordinal 
SHELXL-93 refinement       . ? 1 
DENZO     'data reduction' . ? 2 
CCP4      'data reduction' . ? 3 
# 
_cell.entry_id           245D 
_cell.length_a           37.290 
_cell.length_b           37.290 
_cell.length_c           71.120 
_cell.angle_alpha        90.00 
_cell.angle_beta         90.00 
_cell.angle_gamma        90.00 
_cell.Z_PDB              16 
_cell.pdbx_unique_axis   ? 
# 
_symmetry.entry_id                         245D 
_symmetry.space_group_name_H-M             'P 41 21 2' 
_symmetry.pdbx_full_space_group_name_H-M   ? 
_symmetry.cell_setting                     ? 
_symmetry.Int_Tables_number                92 
# 
_exptl.entry_id          245D 
_exptl.method            'X-RAY DIFFRACTION' 
_exptl.crystals_number   ? 
# 
_exptl_crystal.id                    1 
_exptl_crystal.density_meas          ? 
_exptl_crystal.density_Matthews      3.42 
_exptl_crystal.density_percent_sol   64.02 
_exptl_crystal.description           ? 
# 
_exptl_crystal_grow.crystal_id      1 
_exptl_crystal_grow.method          'VAPOR DIFFUSION, HANGING DROP' 
_exptl_crystal_grow.temp            ? 
_exptl_crystal_grow.temp_details    ? 
_exptl_crystal_grow.pH              6.50 
_exptl_crystal_grow.pdbx_details    'pH 6.50, VAPOR DIFFUSION, HANGING DROP' 
_exptl_crystal_grow.pdbx_pH_range   ? 
# 
loop_
_exptl_crystal_grow_comp.crystal_id 
_exptl_crystal_grow_comp.id 
_exptl_crystal_grow_comp.sol_id 
_exptl_crystal_grow_comp.name 
_exptl_crystal_grow_comp.volume 
_exptl_crystal_grow_comp.conc 
_exptl_crystal_grow_comp.details 
1 1 1 WATER           ? ? ? 
1 2 1 HMD             ? ? ? 
1 3 1 SPERMINE        ? ? ? 
1 4 1 MGCL2           ? ? ? 
1 5 1 'NA CACODYLATE' ? ? ? 
1 6 2 WATER           ? ? ? 
1 7 2 MPD             ? ? ? 
# 
_diffrn.id                     1 
_diffrn.ambient_temp           150.00 
_diffrn.ambient_temp_details   ? 
_diffrn.crystal_id             1 
# 
_diffrn_detector.diffrn_id              1 
_diffrn_detector.detector               'IMAGE PLATE' 
_diffrn_detector.type                   MARRESEARCH 
_diffrn_detector.pdbx_collection_date   ? 
_diffrn_detector.details                ? 
# 
_diffrn_radiation.diffrn_id                        1 
_diffrn_radiation.wavelength_id                    1 
_diffrn_radiation.pdbx_monochromatic_or_laue_m_l   M 
_diffrn_radiation.monochromator                    ? 
_diffrn_radiation.pdbx_diffrn_protocol             ? 
_diffrn_radiation.pdbx_scattering_type             x-ray 
# 
_diffrn_radiation_wavelength.id           1 
_diffrn_radiation_wavelength.wavelength   0.87 
_diffrn_radiation_wavelength.wt           1.0 
# 
_diffrn_source.diffrn_id                   1 
_diffrn_source.source                      SYNCHROTRON 
_diffrn_source.type                        'SRS BEAMLINE PX9.6' 
_diffrn_source.pdbx_synchrotron_site       SRS 
_diffrn_source.pdbx_synchrotron_beamline   PX9.6 
_diffrn_source.pdbx_wavelength             0.87 
_diffrn_source.pdbx_wavelength_list        ? 
# 
_reflns.entry_id                     245D 
_reflns.observed_criterion_sigma_I   0.000 
_reflns.observed_criterion_sigma_F   ? 
_reflns.d_resolution_low             ? 
_reflns.d_resolution_high            1.400 
_reflns.number_obs                   10306 
_reflns.number_all                   62880 
_reflns.percent_possible_obs         ? 
_reflns.pdbx_Rmerge_I_obs            0.0360000 
_reflns.pdbx_Rsym_value              ? 
_reflns.pdbx_netI_over_sigmaI        ? 
_reflns.B_iso_Wilson_estimate        ? 
_reflns.pdbx_redundancy              ? 
_reflns.pdbx_diffrn_id               1 
_reflns.pdbx_ordinal                 1 
# 
_refine.entry_id                                 245D 
_refine.ls_number_reflns_obs                     9813 
_refine.ls_number_reflns_all                     9813 
_refine.pdbx_ls_sigma_I                          ? 
_refine.pdbx_ls_sigma_F                          0.000 
_refine.pdbx_data_cutoff_high_absF               ? 
_refine.pdbx_data_cutoff_low_absF                ? 
_refine.pdbx_data_cutoff_high_rms_absF           ? 
_refine.ls_d_res_low                             8.000 
_refine.ls_d_res_high                            1.400 
_refine.ls_percent_reflns_obs                    ? 
_refine.ls_R_factor_obs                          0.1600000 
_refine.ls_R_factor_all                          ? 
_refine.ls_R_factor_R_work                       ? 
_refine.ls_R_factor_R_free                       0.2520000 
_refine.ls_R_factor_R_free_error                 ? 
_refine.ls_R_factor_R_free_error_details         ? 
_refine.ls_percent_reflns_R_free                 ? 
_refine.ls_number_reflns_R_free                  ? 
_refine.ls_number_parameters                     ? 
_refine.ls_number_restraints                     ? 
_refine.occupancy_min                            ? 
_refine.occupancy_max                            ? 
_refine.B_iso_mean                               18.80 
_refine.aniso_B[1][1]                            ? 
_refine.aniso_B[2][2]                            ? 
_refine.aniso_B[3][3]                            ? 
_refine.aniso_B[1][2]                            ? 
_refine.aniso_B[1][3]                            ? 
_refine.aniso_B[2][3]                            ? 
_refine.solvent_model_details                    ? 
_refine.solvent_model_param_ksol                 ? 
_refine.solvent_model_param_bsol                 ? 
_refine.pdbx_ls_cross_valid_method               ? 
_refine.details                                  
;DISTANCES AND ANGLES WITHIN THE BASES WERE RESTRAINED TO TARGET VALUES. ALL OTHER CHEMICALLY EQUIVALENT BOND DISTANCES WERE RESTRAINED TO BE SIMILAR BY SAME DISTANCE RESTRAINTS. SIGMAS FOR BOTH TARGET AND SIMILAR DISTANCE RESTRAINTS WERE SET AT 0.030 ANGSTROMS FOR BONDS AND 0.050 ANGSTROMS FOR ANGLES. SADI_* 0.15 C3'_- P C3'_1 P_2 SADI_* 0.15 C5' P C5'_2 P_2 ISOR 0.1 ISOR 0.05 C2_3 C2_5 ISOR 0.025 C15B_41 DELU C15B_41 O10B_41 C14_41 C10_41 C20_ 41 DELU O5'_21 C5'_21 C4'_21 C3'_21 C2'_21 C1'_21 O4'_21 BUMP
;
_refine.pdbx_starting_model                      ? 
_refine.pdbx_method_to_determine_struct          ? 
_refine.pdbx_isotropic_thermal_model             ? 
_refine.pdbx_stereochemistry_target_values       ? 
_refine.pdbx_stereochem_target_val_spec_case     ? 
_refine.pdbx_R_Free_selection_details            ? 
_refine.pdbx_overall_ESU_R                       ? 
_refine.pdbx_overall_ESU_R_Free                  ? 
_refine.overall_SU_ML                            ? 
_refine.overall_SU_B                             ? 
_refine.pdbx_refine_id                           'X-RAY DIFFRACTION' 
_refine.pdbx_diffrn_id                           1 
_refine.pdbx_TLS_residual_ADP_flag               ? 
_refine.correlation_coeff_Fo_to_Fc               ? 
_refine.correlation_coeff_Fo_to_Fc_free          ? 
_refine.pdbx_solvent_vdw_probe_radii             ? 
_refine.pdbx_solvent_ion_probe_radii             ? 
_refine.pdbx_solvent_shrinkage_radii             ? 
_refine.pdbx_overall_phase_error                 ? 
_refine.overall_SU_R_Cruickshank_DPI             ? 
_refine.pdbx_overall_SU_R_free_Cruickshank_DPI   ? 
_refine.pdbx_overall_SU_R_Blow_DPI               ? 
_refine.pdbx_overall_SU_R_free_Blow_DPI          ? 
# 
_refine_analyze.entry_id                        245D 
_refine_analyze.Luzzati_coordinate_error_obs    0.20 
_refine_analyze.Luzzati_sigma_a_obs             0.17 
_refine_analyze.Luzzati_d_res_low_obs           ? 
_refine_analyze.Luzzati_coordinate_error_free   ? 
_refine_analyze.Luzzati_sigma_a_free            ? 
_refine_analyze.Luzzati_d_res_low_free          ? 
_refine_analyze.number_disordered_residues      ? 
_refine_analyze.occupancy_sum_hydrogen          ? 
_refine_analyze.occupancy_sum_non_hydrogen      ? 
_refine_analyze.pdbx_refine_id                  'X-RAY DIFFRACTION' 
# 
_refine_hist.pdbx_refine_id                   'X-RAY DIFFRACTION' 
_refine_hist.cycle_id                         LAST 
_refine_hist.pdbx_number_atoms_protein        0 
_refine_hist.pdbx_number_atoms_nucleic_acid   240 
_refine_hist.pdbx_number_atoms_ligand         115 
_refine_hist.number_atoms_solvent             66 
_refine_hist.number_atoms_total               421 
_refine_hist.d_res_high                       1.400 
_refine_hist.d_res_low                        8.000 
# 
loop_
_refine_ls_restr.type 
_refine_ls_restr.dev_ideal 
_refine_ls_restr.dev_ideal_target 
_refine_ls_restr.weight 
_refine_ls_restr.number 
_refine_ls_restr.pdbx_refine_id 
_refine_ls_restr.pdbx_restraint_function 
s_bond_d               0.026 ? ? ? 'X-RAY DIFFRACTION' ? 
s_angle_d              ?     ? ? ? 'X-RAY DIFFRACTION' ? 
s_similar_dist         ?     ? ? ? 'X-RAY DIFFRACTION' ? 
s_from_restr_planes    ?     ? ? ? 'X-RAY DIFFRACTION' ? 
s_zero_chiral_vol      ?     ? ? ? 'X-RAY DIFFRACTION' ? 
s_non_zero_chiral_vol  ?     ? ? ? 'X-RAY DIFFRACTION' ? 
s_anti_bump_dis_restr  ?     ? ? ? 'X-RAY DIFFRACTION' ? 
s_rigid_bond_adp_cmpnt ?     ? ? ? 'X-RAY DIFFRACTION' ? 
s_similar_adp_cmpnt    ?     ? ? ? 'X-RAY DIFFRACTION' ? 
s_approx_iso_adps      ?     ? ? ? 'X-RAY DIFFRACTION' ? 
# 
_pdbx_refine.entry_id                                    245D 
_pdbx_refine.R_factor_all_no_cutoff                      ? 
_pdbx_refine.R_factor_obs_no_cutoff                      0.1600000 
_pdbx_refine.free_R_factor_no_cutoff                     0.2520000 
_pdbx_refine.free_R_val_test_set_size_perc_no_cutoff     ? 
_pdbx_refine.free_R_val_test_set_ct_no_cutoff            ? 
_pdbx_refine.R_factor_all_4sig_cutoff                    ? 
_pdbx_refine.R_factor_obs_4sig_cutoff                    ? 
_pdbx_refine.free_R_factor_4sig_cutoff                   ? 
_pdbx_refine.free_R_val_test_set_size_perc_4sig_cutoff   ? 
_pdbx_refine.free_R_val_test_set_ct_4sig_cutoff          ? 
_pdbx_refine.number_reflns_obs_4sig_cutoff               ? 
_pdbx_refine.pdbx_refine_id                              'X-RAY DIFFRACTION' 
_pdbx_refine.free_R_error_no_cutoff                      ? 
# 
_struct.entry_id                  245D 
_struct.title                     
;DNA-DRUG REFINEMENT: A COMPARISON OF THE PROGRAMS NUCLSQ, PROLSQ, SHELXL93 AND X-PLOR, USING THE LOW TEMPERATURE D(TGATCA)-NOGALAMYCIN STRUCTURE
;
_struct.pdbx_model_details        ? 
_struct.pdbx_CASP_flag            ? 
_struct.pdbx_model_type_details   ? 
# 
_struct_keywords.entry_id        245D 
_struct_keywords.pdbx_keywords   DNA 
_struct_keywords.text            'RIGHT HANDED DNA, DOUBLE HELIX, COMPLEXED WITH DRUG, DNA' 
# 
loop_
_struct_asym.id 
_struct_asym.pdbx_blank_PDB_chainid_flag 
_struct_asym.pdbx_modified 
_struct_asym.entity_id 
_struct_asym.details 
A N N 1 ? 
B N N 1 ? 
C N N 2 ? 
D N N 2 ? 
E N N 3 ? 
F N N 3 ? 
# 
_struct_ref.id                         1 
_struct_ref.entity_id                  1 
_struct_ref.db_name                    PDB 
_struct_ref.db_code                    245D 
_struct_ref.pdbx_db_accession          245D 
_struct_ref.pdbx_db_isoform            ? 
_struct_ref.pdbx_seq_one_letter_code   ? 
_struct_ref.pdbx_align_begin           ? 
# 
loop_
_struct_ref_seq.align_id 
_struct_ref_seq.ref_id 
_struct_ref_seq.pdbx_PDB_id_code 
_struct_ref_seq.pdbx_strand_id 
_struct_ref_seq.seq_align_beg 
_struct_ref_seq.pdbx_seq_align_beg_ins_code 
_struct_ref_seq.seq_align_end 
_struct_ref_seq.pdbx_seq_align_end_ins_code 
_struct_ref_seq.pdbx_db_accession 
_struct_ref_seq.db_align_beg 
_struct_ref_seq.pdbx_db_align_beg_ins_code 
_struct_ref_seq.db_align_end 
_struct_ref_seq.pdbx_db_align_end_ins_code 
_struct_ref_seq.pdbx_auth_seq_align_beg 
_struct_ref_seq.pdbx_auth_seq_align_end 
1 1 245D A 1 ? 6 ? 245D 1 ? 6  ? 1 6  
2 1 245D B 1 ? 6 ? 245D 7 ? 12 ? 7 12 
# 
_pdbx_struct_assembly.id                   1 
_pdbx_struct_assembly.details              author_defined_assembly 
_pdbx_struct_assembly.method_details       ? 
_pdbx_struct_assembly.oligomeric_details   dimeric 
_pdbx_struct_assembly.oligomeric_count     2 
# 
_pdbx_struct_assembly_gen.assembly_id       1 
_pdbx_struct_assembly_gen.oper_expression   1 
_pdbx_struct_assembly_gen.asym_id_list      A,B,C,D,E,F 
# 
_pdbx_struct_oper_list.id                   1 
_pdbx_struct_oper_list.type                 'identity operation' 
_pdbx_struct_oper_list.name                 1_555 
_pdbx_struct_oper_list.symmetry_operation   x,y,z 
_pdbx_struct_oper_list.matrix[1][1]         1.0000000000 
_pdbx_struct_oper_list.matrix[1][2]         0.0000000000 
_pdbx_struct_oper_list.matrix[1][3]         0.0000000000 
_pdbx_struct_oper_list.vector[1]            0.0000000000 
_pdbx_struct_oper_list.matrix[2][1]         0.0000000000 
_pdbx_struct_oper_list.matrix[2][2]         1.0000000000 
_pdbx_struct_oper_list.matrix[2][3]         0.0000000000 
_pdbx_struct_oper_list.vector[2]            0.0000000000 
_pdbx_struct_oper_list.matrix[3][1]         0.0000000000 
_pdbx_struct_oper_list.matrix[3][2]         0.0000000000 
_pdbx_struct_oper_list.matrix[3][3]         1.0000000000 
_pdbx_struct_oper_list.vector[3]            0.0000000000 
# 
_struct_biol.id   1 
# 
loop_
_struct_conn.id 
_struct_conn.conn_type_id 
_struct_conn.pdbx_leaving_atom_flag 
_struct_conn.pdbx_PDB_id 
_struct_conn.ptnr1_label_asym_id 
_struct_conn.ptnr1_label_comp_id 
_struct_conn.ptnr1_label_seq_id 
_struct_conn.ptnr1_label_atom_id 
_struct_conn.pdbx_ptnr1_label_alt_id 
_struct_conn.pdbx_ptnr1_PDB_ins_code 
_struct_conn.pdbx_ptnr1_standard_comp_id 
_struct_conn.ptnr1_symmetry 
_struct_conn.ptnr2_label_asym_id 
_struct_conn.ptnr2_label_comp_id 
_struct_conn.ptnr2_label_seq_id 
_struct_conn.ptnr2_label_atom_id 
_struct_conn.pdbx_ptnr2_label_alt_id 
_struct_conn.pdbx_ptnr2_PDB_ins_code 
_struct_conn.ptnr1_auth_asym_id 
_struct_conn.ptnr1_auth_comp_id 
_struct_conn.ptnr1_auth_seq_id 
_struct_conn.ptnr2_auth_asym_id 
_struct_conn.ptnr2_auth_comp_id 
_struct_conn.ptnr2_auth_seq_id 
_struct_conn.ptnr2_symmetry 
_struct_conn.pdbx_ptnr3_label_atom_id 
_struct_conn.pdbx_ptnr3_label_seq_id 
_struct_conn.pdbx_ptnr3_label_comp_id 
_struct_conn.pdbx_ptnr3_label_asym_id 
_struct_conn.pdbx_ptnr3_label_alt_id 
_struct_conn.pdbx_ptnr3_PDB_ins_code 
_struct_conn.details 
_struct_conn.pdbx_dist_value 
_struct_conn.pdbx_value_order 
_struct_conn.pdbx_role 
hydrog1  hydrog ? ? A DT 1 N3 ? ? ? 1_555 B DA 6 N1 ? ? A DT 1 B DA 12 1_555 ? ? ? ? ? ? WATSON-CRICK ? ? ? 
hydrog2  hydrog ? ? A DT 1 O4 ? ? ? 1_555 B DA 6 N6 ? ? A DT 1 B DA 12 1_555 ? ? ? ? ? ? WATSON-CRICK ? ? ? 
hydrog3  hydrog ? ? A DG 2 N1 ? ? ? 1_555 B DC 5 N3 ? ? A DG 2 B DC 11 1_555 ? ? ? ? ? ? WATSON-CRICK ? ? ? 
hydrog4  hydrog ? ? A DG 2 N2 ? ? ? 1_555 B DC 5 O2 ? ? A DG 2 B DC 11 1_555 ? ? ? ? ? ? WATSON-CRICK ? ? ? 
hydrog5  hydrog ? ? A DG 2 O6 ? ? ? 1_555 B DC 5 N4 ? ? A DG 2 B DC 11 1_555 ? ? ? ? ? ? WATSON-CRICK ? ? ? 
hydrog6  hydrog ? ? A DA 3 N1 ? ? ? 1_555 B DT 4 N3 ? ? A DA 3 B DT 10 1_555 ? ? ? ? ? ? WATSON-CRICK ? ? ? 
hydrog7  hydrog ? ? A DA 3 N6 ? ? ? 1_555 B DT 4 O4 ? ? A DA 3 B DT 10 1_555 ? ? ? ? ? ? WATSON-CRICK ? ? ? 
hydrog8  hydrog ? ? A DT 4 N3 ? ? ? 1_555 B DA 3 N1 ? ? A DT 4 B DA 9  1_555 ? ? ? ? ? ? WATSON-CRICK ? ? ? 
hydrog9  hydrog ? ? A DT 4 O4 ? ? ? 1_555 B DA 3 N6 ? ? A DT 4 B DA 9  1_555 ? ? ? ? ? ? WATSON-CRICK ? ? ? 
hydrog10 hydrog ? ? A DC 5 N3 ? ? ? 1_555 B DG 2 N1 ? ? A DC 5 B DG 8  1_555 ? ? ? ? ? ? WATSON-CRICK ? ? ? 
hydrog11 hydrog ? ? A DC 5 N4 ? ? ? 1_555 B DG 2 O6 ? ? A DC 5 B DG 8  1_555 ? ? ? ? ? ? WATSON-CRICK ? ? ? 
hydrog12 hydrog ? ? A DC 5 O2 ? ? ? 1_555 B DG 2 N2 ? ? A DC 5 B DG 8  1_555 ? ? ? ? ? ? WATSON-CRICK ? ? ? 
hydrog13 hydrog ? ? A DA 6 N1 ? ? ? 1_555 B DT 1 N3 ? ? A DA 6 B DT 7  1_555 ? ? ? ? ? ? WATSON-CRICK ? ? ? 
hydrog14 hydrog ? ? A DA 6 N6 ? ? ? 1_555 B DT 1 O4 ? ? A DA 6 B DT 7  1_555 ? ? ? ? ? ? WATSON-CRICK ? ? ? 
# 
_struct_conn_type.id          hydrog 
_struct_conn_type.criteria    ? 
_struct_conn_type.reference   ? 
# 
loop_
_struct_site.id 
_struct_site.pdbx_evidence_code 
_struct_site.pdbx_auth_asym_id 
_struct_site.pdbx_auth_comp_id 
_struct_site.pdbx_auth_seq_id 
_struct_site.pdbx_auth_ins_code 
_struct_site.pdbx_num_residues 
_struct_site.details 
AC1                 Software B NGM 13 ? 16 'BINDING SITE FOR RESIDUE NGM B 13' 
AC2                 Software A NGM 14 ? 13 'BINDING SITE FOR RESIDUE NGM A 14' 
'DRUG BINDING SITE' ?        ? ?   ?  ? ?  ?                                   
# 
loop_
_struct_site_gen.id 
_struct_site_gen.site_id 
_struct_site_gen.pdbx_num_res 
_struct_site_gen.label_comp_id 
_struct_site_gen.label_asym_id 
_struct_site_gen.label_seq_id 
_struct_site_gen.pdbx_auth_ins_code 
_struct_site_gen.auth_comp_id 
_struct_site_gen.auth_asym_id 
_struct_site_gen.auth_seq_id 
_struct_site_gen.label_atom_id 
_struct_site_gen.label_alt_id 
_struct_site_gen.symmetry 
_struct_site_gen.details 
1  AC1 16 DT  A 1 ? DT  A 1  . ? 6_555 ? 
2  AC1 16 DC  A 5 ? DC  A 5  . ? 1_555 ? 
3  AC1 16 DA  A 6 ? DA  A 6  . ? 1_555 ? 
4  AC1 16 DA  A 6 ? DA  A 6  . ? 3_545 ? 
5  AC1 16 HOH E . ? HOH A 21 . ? 1_555 ? 
6  AC1 16 HOH E . ? HOH A 35 . ? 6_555 ? 
7  AC1 16 DT  B 1 ? DT  B 7  . ? 1_555 ? 
8  AC1 16 DG  B 2 ? DG  B 8  . ? 1_555 ? 
9  AC1 16 DA  B 3 ? DA  B 9  . ? 1_555 ? 
10 AC1 16 DT  B 4 ? DT  B 10 . ? 1_555 ? 
11 AC1 16 HOH F . ? HOH B 15 . ? 1_555 ? 
12 AC1 16 HOH F . ? HOH B 23 . ? 1_555 ? 
13 AC1 16 HOH F . ? HOH B 28 . ? 1_555 ? 
14 AC1 16 HOH F . ? HOH B 39 . ? 1_555 ? 
15 AC1 16 HOH F . ? HOH B 41 . ? 1_555 ? 
16 AC1 16 HOH F . ? HOH B 70 . ? 1_555 ? 
17 AC2 13 DT  A 1 ? DT  A 1  . ? 1_555 ? 
18 AC2 13 DG  A 2 ? DG  A 2  . ? 1_555 ? 
19 AC2 13 DA  A 3 ? DA  A 3  . ? 1_555 ? 
20 AC2 13 DT  A 4 ? DT  A 4  . ? 1_555 ? 
21 AC2 13 HOH E . ? HOH A 19 . ? 1_555 ? 
22 AC2 13 HOH E . ? HOH A 32 . ? 1_555 ? 
23 AC2 13 HOH E . ? HOH A 33 . ? 1_555 ? 
24 AC2 13 HOH E . ? HOH A 54 . ? 1_555 ? 
25 AC2 13 HOH E . ? HOH A 66 . ? 1_555 ? 
26 AC2 13 HOH E . ? HOH A 78 . ? 1_555 ? 
27 AC2 13 DC  B 5 ? DC  B 11 . ? 1_555 ? 
28 AC2 13 DA  B 6 ? DA  B 12 . ? 1_555 ? 
29 AC2 13 HOH F . ? HOH B 38 . ? 1_555 ? 
# 
loop_
_pdbx_validate_rmsd_bond.id 
_pdbx_validate_rmsd_bond.PDB_model_num 
_pdbx_validate_rmsd_bond.auth_atom_id_1 
_pdbx_validate_rmsd_bond.auth_asym_id_1 
_pdbx_validate_rmsd_bond.auth_comp_id_1 
_pdbx_validate_rmsd_bond.auth_seq_id_1 
_pdbx_validate_rmsd_bond.PDB_ins_code_1 
_pdbx_validate_rmsd_bond.label_alt_id_1 
_pdbx_validate_rmsd_bond.auth_atom_id_2 
_pdbx_validate_rmsd_bond.auth_asym_id_2 
_pdbx_validate_rmsd_bond.auth_comp_id_2 
_pdbx_validate_rmsd_bond.auth_seq_id_2 
_pdbx_validate_rmsd_bond.PDB_ins_code_2 
_pdbx_validate_rmsd_bond.label_alt_id_2 
_pdbx_validate_rmsd_bond.bond_value 
_pdbx_validate_rmsd_bond.bond_target_value 
_pdbx_validate_rmsd_bond.bond_deviation 
_pdbx_validate_rmsd_bond.bond_standard_deviation 
_pdbx_validate_rmsd_bond.linker_flag 
1 1 "C2'" A DT 1  ? ? "C1'" A DT 1  ? ? 1.581 1.519 0.062 0.010 N 
2 1 "C2'" A DG 2  ? ? "C1'" A DG 2  ? ? 1.607 1.519 0.088 0.010 N 
3 1 "C2'" A DC 5  ? ? "C1'" A DC 5  ? ? 1.586 1.519 0.067 0.010 N 
4 1 C5    B DT 7  ? ? C7    B DT 7  ? ? 1.532 1.496 0.036 0.006 N 
5 1 "C2'" B DG 8  ? ? "C1'" B DG 8  ? ? 1.607 1.519 0.088 0.010 N 
6 1 "C2'" B DC 11 ? ? "C1'" B DC 11 ? ? 1.588 1.519 0.069 0.010 N 
# 
loop_
_pdbx_validate_rmsd_angle.id 
_pdbx_validate_rmsd_angle.PDB_model_num 
_pdbx_validate_rmsd_angle.auth_atom_id_1 
_pdbx_validate_rmsd_angle.auth_asym_id_1 
_pdbx_validate_rmsd_angle.auth_comp_id_1 
_pdbx_validate_rmsd_angle.auth_seq_id_1 
_pdbx_validate_rmsd_angle.PDB_ins_code_1 
_pdbx_validate_rmsd_angle.label_alt_id_1 
_pdbx_validate_rmsd_angle.auth_atom_id_2 
_pdbx_validate_rmsd_angle.auth_asym_id_2 
_pdbx_validate_rmsd_angle.auth_comp_id_2 
_pdbx_validate_rmsd_angle.auth_seq_id_2 
_pdbx_validate_rmsd_angle.PDB_ins_code_2 
_pdbx_validate_rmsd_angle.label_alt_id_2 
_pdbx_validate_rmsd_angle.auth_atom_id_3 
_pdbx_validate_rmsd_angle.auth_asym_id_3 
_pdbx_validate_rmsd_angle.auth_comp_id_3 
_pdbx_validate_rmsd_angle.auth_seq_id_3 
_pdbx_validate_rmsd_angle.PDB_ins_code_3 
_pdbx_validate_rmsd_angle.label_alt_id_3 
_pdbx_validate_rmsd_angle.angle_value 
_pdbx_validate_rmsd_angle.angle_target_value 
_pdbx_validate_rmsd_angle.angle_deviation 
_pdbx_validate_rmsd_angle.angle_standard_deviation 
_pdbx_validate_rmsd_angle.linker_flag 
1  1 "O4'" A DT 1  ? ? "C4'" A DT 1  ? ? "C3'" A DT 1  ? ? 101.89 104.50 -2.61  0.40 N 
2  1 "O4'" A DT 1  ? ? "C1'" A DT 1  ? ? N1    A DT 1  ? ? 110.18 108.30 1.88   0.30 N 
3  1 N1    A DT 1  ? ? C2    A DT 1  ? ? N3    A DT 1  ? ? 110.87 114.60 -3.73  0.60 N 
4  1 "C4'" A DG 2  ? ? "C3'" A DG 2  ? ? "C2'" A DG 2  ? ? 110.22 103.10 7.12   0.90 N 
5  1 "O4'" A DG 2  ? ? "C1'" A DG 2  ? ? N9    A DG 2  ? ? 120.27 108.30 11.97  0.30 N 
6  1 C2    A DG 2  ? ? N3    A DG 2  ? ? C4    A DG 2  ? ? 108.45 111.90 -3.45  0.50 N 
7  1 "C3'" A DG 2  ? ? "O3'" A DG 2  ? ? P     A DA 3  ? ? 135.22 119.70 15.52  1.20 Y 
8  1 N3    A DT 4  ? ? C2    A DT 4  ? ? O2    A DT 4  ? ? 118.03 122.30 -4.27  0.60 N 
9  1 "O4'" A DC 5  ? ? "C1'" A DC 5  ? ? N1    A DC 5  ? ? 120.21 108.30 11.91  0.30 N 
10 1 C2    A DC 5  ? ? N3    A DC 5  ? ? C4    A DC 5  ? ? 123.10 119.90 3.20   0.50 N 
11 1 "C4'" B DT 7  ? ? "C3'" B DT 7  ? ? "C2'" B DT 7  ? ? 109.56 103.10 6.46   0.90 N 
12 1 "O4'" B DT 7  ? ? "C1'" B DT 7  ? ? N1    B DT 7  ? ? 111.17 108.30 2.87   0.30 N 
13 1 "C3'" B DG 8  ? ? "C2'" B DG 8  ? ? "C1'" B DG 8  ? ? 97.45  102.40 -4.95  0.80 N 
14 1 "O4'" B DG 8  ? ? "C1'" B DG 8  ? ? N9    B DG 8  ? ? 120.27 108.30 11.97  0.30 N 
15 1 OP1   B DA 9  ? ? P     B DA 9  ? ? OP2   B DA 9  ? ? 107.35 119.60 -12.25 1.50 N 
16 1 "C4'" B DA 9  ? ? "C3'" B DA 9  ? ? "C2'" B DA 9  ? ? 108.55 103.10 5.45   0.90 N 
17 1 "O4'" B DA 9  ? ? "C1'" B DA 9  ? ? N9    B DA 9  ? ? 111.13 108.30 2.83   0.30 N 
18 1 "C4'" B DT 10 ? ? "C3'" B DT 10 ? ? "C2'" B DT 10 ? ? 108.95 103.10 5.85   0.90 N 
19 1 C2    B DT 10 ? ? N3    B DT 10 ? ? C4    B DT 10 ? ? 133.25 127.20 6.05   0.60 N 
20 1 N3    B DT 10 ? ? C4    B DT 10 ? ? C5    B DT 10 ? ? 111.45 115.20 -3.75  0.60 N 
21 1 "O4'" B DC 11 ? ? "C1'" B DC 11 ? ? N1    B DC 11 ? ? 117.43 108.30 9.13   0.30 N 
# 
_struct_site_keywords.site_id   'DRUG BINDING SITE' 
_struct_site_keywords.text      INTERCALATION 
# 
_pdbx_struct_special_symmetry.id              1 
_pdbx_struct_special_symmetry.PDB_model_num   1 
_pdbx_struct_special_symmetry.auth_asym_id    A 
_pdbx_struct_special_symmetry.auth_comp_id    HOH 
_pdbx_struct_special_symmetry.auth_seq_id     77 
_pdbx_struct_special_symmetry.PDB_ins_code    ? 
_pdbx_struct_special_symmetry.label_asym_id   E 
_pdbx_struct_special_symmetry.label_comp_id   HOH 
_pdbx_struct_special_symmetry.label_seq_id    . 
# 
loop_
_chem_comp_atom.comp_id 
_chem_comp_atom.atom_id 
_chem_comp_atom.type_symbol 
_chem_comp_atom.pdbx_aromatic_flag 
_chem_comp_atom.pdbx_stereo_config 
_chem_comp_atom.pdbx_ordinal 
DA  OP3    O N N 1   
DA  P      P N N 2   
DA  OP1    O N N 3   
DA  OP2    O N N 4   
DA  "O5'"  O N N 5   
DA  "C5'"  C N N 6   
DA  "C4'"  C N R 7   
DA  "O4'"  O N N 8   
DA  "C3'"  C N S 9   
DA  "O3'"  O N N 10  
DA  "C2'"  C N N 11  
DA  "C1'"  C N R 12  
DA  N9     N Y N 13  
DA  C8     C Y N 14  
DA  N7     N Y N 15  
DA  C5     C Y N 16  
DA  C6     C Y N 17  
DA  N6     N N N 18  
DA  N1     N Y N 19  
DA  C2     C Y N 20  
DA  N3     N Y N 21  
DA  C4     C Y N 22  
DA  HOP3   H N N 23  
DA  HOP2   H N N 24  
DA  "H5'"  H N N 25  
DA  "H5''" H N N 26  
DA  "H4'"  H N N 27  
DA  "H3'"  H N N 28  
DA  "HO3'" H N N 29  
DA  "H2'"  H N N 30  
DA  "H2''" H N N 31  
DA  "H1'"  H N N 32  
DA  H8     H N N 33  
DA  H61    H N N 34  
DA  H62    H N N 35  
DA  H2     H N N 36  
DC  OP3    O N N 37  
DC  P      P N N 38  
DC  OP1    O N N 39  
DC  OP2    O N N 40  
DC  "O5'"  O N N 41  
DC  "C5'"  C N N 42  
DC  "C4'"  C N R 43  
DC  "O4'"  O N N 44  
DC  "C3'"  C N S 45  
DC  "O3'"  O N N 46  
DC  "C2'"  C N N 47  
DC  "C1'"  C N R 48  
DC  N1     N N N 49  
DC  C2     C N N 50  
DC  O2     O N N 51  
DC  N3     N N N 52  
DC  C4     C N N 53  
DC  N4     N N N 54  
DC  C5     C N N 55  
DC  C6     C N N 56  
DC  HOP3   H N N 57  
DC  HOP2   H N N 58  
DC  "H5'"  H N N 59  
DC  "H5''" H N N 60  
DC  "H4'"  H N N 61  
DC  "H3'"  H N N 62  
DC  "HO3'" H N N 63  
DC  "H2'"  H N N 64  
DC  "H2''" H N N 65  
DC  "H1'"  H N N 66  
DC  H41    H N N 67  
DC  H42    H N N 68  
DC  H5     H N N 69  
DC  H6     H N N 70  
DG  OP3    O N N 71  
DG  P      P N N 72  
DG  OP1    O N N 73  
DG  OP2    O N N 74  
DG  "O5'"  O N N 75  
DG  "C5'"  C N N 76  
DG  "C4'"  C N R 77  
DG  "O4'"  O N N 78  
DG  "C3'"  C N S 79  
DG  "O3'"  O N N 80  
DG  "C2'"  C N N 81  
DG  "C1'"  C N R 82  
DG  N9     N Y N 83  
DG  C8     C Y N 84  
DG  N7     N Y N 85  
DG  C5     C Y N 86  
DG  C6     C N N 87  
DG  O6     O N N 88  
DG  N1     N N N 89  
DG  C2     C N N 90  
DG  N2     N N N 91  
DG  N3     N N N 92  
DG  C4     C Y N 93  
DG  HOP3   H N N 94  
DG  HOP2   H N N 95  
DG  "H5'"  H N N 96  
DG  "H5''" H N N 97  
DG  "H4'"  H N N 98  
DG  "H3'"  H N N 99  
DG  "HO3'" H N N 100 
DG  "H2'"  H N N 101 
DG  "H2''" H N N 102 
DG  "H1'"  H N N 103 
DG  H8     H N N 104 
DG  H1     H N N 105 
DG  H21    H N N 106 
DG  H22    H N N 107 
DT  OP3    O N N 108 
DT  P      P N N 109 
DT  OP1    O N N 110 
DT  OP2    O N N 111 
DT  "O5'"  O N N 112 
DT  "C5'"  C N N 113 
DT  "C4'"  C N R 114 
DT  "O4'"  O N N 115 
DT  "C3'"  C N S 116 
DT  "O3'"  O N N 117 
DT  "C2'"  C N N 118 
DT  "C1'"  C N R 119 
DT  N1     N N N 120 
DT  C2     C N N 121 
DT  O2     O N N 122 
DT  N3     N N N 123 
DT  C4     C N N 124 
DT  O4     O N N 125 
DT  C5     C N N 126 
DT  C7     C N N 127 
DT  C6     C N N 128 
DT  HOP3   H N N 129 
DT  HOP2   H N N 130 
DT  "H5'"  H N N 131 
DT  "H5''" H N N 132 
DT  "H4'"  H N N 133 
DT  "H3'"  H N N 134 
DT  "HO3'" H N N 135 
DT  "H2'"  H N N 136 
DT  "H2''" H N N 137 
DT  "H1'"  H N N 138 
DT  H3     H N N 139 
DT  H71    H N N 140 
DT  H72    H N N 141 
DT  H73    H N N 142 
DT  H6     H N N 143 
HOH O      O N N 144 
HOH H1     H N N 145 
HOH H2     H N N 146 
NGM C1     C Y N 147 
NGM C2     C Y N 148 
NGM C3     C Y N 149 
NGM C4     C Y N 150 
NGM C5     C N N 151 
NGM C6     C Y N 152 
NGM C7     C N S 153 
NGM C8     C N N 154 
NGM C9     C N S 155 
NGM C10    C N R 156 
NGM C11    C Y N 157 
NGM C12    C N N 158 
NGM C13    C N N 159 
NGM C14    C N N 160 
NGM C15    C N N 161 
NGM C16    C Y N 162 
NGM C17    C Y N 163 
NGM C18    C Y N 164 
NGM C19    C Y N 165 
NGM C20    C Y N 166 
NGM C21    C Y N 167 
NGM C22    C N N 168 
NGM C23    C N N 169 
NGM C24    C N N 170 
NGM C25    C N N 171 
NGM C26    C N N 172 
NGM C27    C N N 173 
NGM C28    C N N 174 
NGM C29    C N N 175 
NGM C30    C N S 176 
NGM C31    C N S 177 
NGM C32    C N R 178 
NGM C33    C N R 179 
NGM C34    C N R 180 
NGM "C1'"  C N R 181 
NGM "C2'"  C N R 182 
NGM "C3'"  C N R 183 
NGM "C4'"  C N S 184 
NGM "C5'"  C N S 185 
NGM N1     N N N 186 
NGM O1     O N N 187 
NGM O2     O N N 188 
NGM O4     O N N 189 
NGM O5     O N N 190 
NGM O6     O N N 191 
NGM O7     O N N 192 
NGM O9     O N N 193 
NGM O10    O N N 194 
NGM O14    O N N 195 
NGM O12    O N N 196 
NGM O15    O N N 197 
NGM O16    O N N 198 
NGM "O1'"  O N N 199 
NGM "O2'"  O N N 200 
NGM "O3'"  O N N 201 
NGM "O4'"  O N N 202 
NGM H3     H N N 203 
NGM H7     H N N 204 
NGM H81    H N N 205 
NGM H82    H N N 206 
NGM H10    H N N 207 
NGM H11    H N N 208 
NGM H131   H N N 209 
NGM H132   H N N 210 
NGM H133   H N N 211 
NGM H151   H N N 212 
NGM H152   H N N 213 
NGM H153   H N N 214 
NGM H221   H N N 215 
NGM H222   H N N 216 
NGM H223   H N N 217 
NGM H231   H N N 218 
NGM H232   H N N 219 
NGM H233   H N N 220 
NGM H241   H N N 221 
NGM H242   H N N 222 
NGM H243   H N N 223 
NGM H251   H N N 224 
NGM H252   H N N 225 
NGM H253   H N N 226 
NGM H261   H N N 227 
NGM H262   H N N 228 
NGM H263   H N N 229 
NGM H271   H N N 230 
NGM H272   H N N 231 
NGM H273   H N N 232 
NGM H281   H N N 233 
NGM H282   H N N 234 
NGM H283   H N N 235 
NGM H291   H N N 236 
NGM H292   H N N 237 
NGM H293   H N N 238 
NGM H30    H N N 239 
NGM H31    H N N 240 
NGM H32    H N N 241 
NGM H33    H N N 242 
NGM "H1'"  H N N 243 
NGM "H2'"  H N N 244 
NGM "H4'"  H N N 245 
NGM "H5'"  H N N 246 
NGM HO4    H N N 247 
NGM HO6    H N N 248 
NGM HO9    H N N 249 
NGM H15    H N N 250 
NGM H16    H N N 251 
# 
loop_
_chem_comp_bond.comp_id 
_chem_comp_bond.atom_id_1 
_chem_comp_bond.atom_id_2 
_chem_comp_bond.value_order 
_chem_comp_bond.pdbx_aromatic_flag 
_chem_comp_bond.pdbx_stereo_config 
_chem_comp_bond.pdbx_ordinal 
DA  OP3   P      sing N N 1   
DA  OP3   HOP3   sing N N 2   
DA  P     OP1    doub N N 3   
DA  P     OP2    sing N N 4   
DA  P     "O5'"  sing N N 5   
DA  OP2   HOP2   sing N N 6   
DA  "O5'" "C5'"  sing N N 7   
DA  "C5'" "C4'"  sing N N 8   
DA  "C5'" "H5'"  sing N N 9   
DA  "C5'" "H5''" sing N N 10  
DA  "C4'" "O4'"  sing N N 11  
DA  "C4'" "C3'"  sing N N 12  
DA  "C4'" "H4'"  sing N N 13  
DA  "O4'" "C1'"  sing N N 14  
DA  "C3'" "O3'"  sing N N 15  
DA  "C3'" "C2'"  sing N N 16  
DA  "C3'" "H3'"  sing N N 17  
DA  "O3'" "HO3'" sing N N 18  
DA  "C2'" "C1'"  sing N N 19  
DA  "C2'" "H2'"  sing N N 20  
DA  "C2'" "H2''" sing N N 21  
DA  "C1'" N9     sing N N 22  
DA  "C1'" "H1'"  sing N N 23  
DA  N9    C8     sing Y N 24  
DA  N9    C4     sing Y N 25  
DA  C8    N7     doub Y N 26  
DA  C8    H8     sing N N 27  
DA  N7    C5     sing Y N 28  
DA  C5    C6     sing Y N 29  
DA  C5    C4     doub Y N 30  
DA  C6    N6     sing N N 31  
DA  C6    N1     doub Y N 32  
DA  N6    H61    sing N N 33  
DA  N6    H62    sing N N 34  
DA  N1    C2     sing Y N 35  
DA  C2    N3     doub Y N 36  
DA  C2    H2     sing N N 37  
DA  N3    C4     sing Y N 38  
DC  OP3   P      sing N N 39  
DC  OP3   HOP3   sing N N 40  
DC  P     OP1    doub N N 41  
DC  P     OP2    sing N N 42  
DC  P     "O5'"  sing N N 43  
DC  OP2   HOP2   sing N N 44  
DC  "O5'" "C5'"  sing N N 45  
DC  "C5'" "C4'"  sing N N 46  
DC  "C5'" "H5'"  sing N N 47  
DC  "C5'" "H5''" sing N N 48  
DC  "C4'" "O4'"  sing N N 49  
DC  "C4'" "C3'"  sing N N 50  
DC  "C4'" "H4'"  sing N N 51  
DC  "O4'" "C1'"  sing N N 52  
DC  "C3'" "O3'"  sing N N 53  
DC  "C3'" "C2'"  sing N N 54  
DC  "C3'" "H3'"  sing N N 55  
DC  "O3'" "HO3'" sing N N 56  
DC  "C2'" "C1'"  sing N N 57  
DC  "C2'" "H2'"  sing N N 58  
DC  "C2'" "H2''" sing N N 59  
DC  "C1'" N1     sing N N 60  
DC  "C1'" "H1'"  sing N N 61  
DC  N1    C2     sing N N 62  
DC  N1    C6     sing N N 63  
DC  C2    O2     doub N N 64  
DC  C2    N3     sing N N 65  
DC  N3    C4     doub N N 66  
DC  C4    N4     sing N N 67  
DC  C4    C5     sing N N 68  
DC  N4    H41    sing N N 69  
DC  N4    H42    sing N N 70  
DC  C5    C6     doub N N 71  
DC  C5    H5     sing N N 72  
DC  C6    H6     sing N N 73  
DG  OP3   P      sing N N 74  
DG  OP3   HOP3   sing N N 75  
DG  P     OP1    doub N N 76  
DG  P     OP2    sing N N 77  
DG  P     "O5'"  sing N N 78  
DG  OP2   HOP2   sing N N 79  
DG  "O5'" "C5'"  sing N N 80  
DG  "C5'" "C4'"  sing N N 81  
DG  "C5'" "H5'"  sing N N 82  
DG  "C5'" "H5''" sing N N 83  
DG  "C4'" "O4'"  sing N N 84  
DG  "C4'" "C3'"  sing N N 85  
DG  "C4'" "H4'"  sing N N 86  
DG  "O4'" "C1'"  sing N N 87  
DG  "C3'" "O3'"  sing N N 88  
DG  "C3'" "C2'"  sing N N 89  
DG  "C3'" "H3'"  sing N N 90  
DG  "O3'" "HO3'" sing N N 91  
DG  "C2'" "C1'"  sing N N 92  
DG  "C2'" "H2'"  sing N N 93  
DG  "C2'" "H2''" sing N N 94  
DG  "C1'" N9     sing N N 95  
DG  "C1'" "H1'"  sing N N 96  
DG  N9    C8     sing Y N 97  
DG  N9    C4     sing Y N 98  
DG  C8    N7     doub Y N 99  
DG  C8    H8     sing N N 100 
DG  N7    C5     sing Y N 101 
DG  C5    C6     sing N N 102 
DG  C5    C4     doub Y N 103 
DG  C6    O6     doub N N 104 
DG  C6    N1     sing N N 105 
DG  N1    C2     sing N N 106 
DG  N1    H1     sing N N 107 
DG  C2    N2     sing N N 108 
DG  C2    N3     doub N N 109 
DG  N2    H21    sing N N 110 
DG  N2    H22    sing N N 111 
DG  N3    C4     sing N N 112 
DT  OP3   P      sing N N 113 
DT  OP3   HOP3   sing N N 114 
DT  P     OP1    doub N N 115 
DT  P     OP2    sing N N 116 
DT  P     "O5'"  sing N N 117 
DT  OP2   HOP2   sing N N 118 
DT  "O5'" "C5'"  sing N N 119 
DT  "C5'" "C4'"  sing N N 120 
DT  "C5'" "H5'"  sing N N 121 
DT  "C5'" "H5''" sing N N 122 
DT  "C4'" "O4'"  sing N N 123 
DT  "C4'" "C3'"  sing N N 124 
DT  "C4'" "H4'"  sing N N 125 
DT  "O4'" "C1'"  sing N N 126 
DT  "C3'" "O3'"  sing N N 127 
DT  "C3'" "C2'"  sing N N 128 
DT  "C3'" "H3'"  sing N N 129 
DT  "O3'" "HO3'" sing N N 130 
DT  "C2'" "C1'"  sing N N 131 
DT  "C2'" "H2'"  sing N N 132 
DT  "C2'" "H2''" sing N N 133 
DT  "C1'" N1     sing N N 134 
DT  "C1'" "H1'"  sing N N 135 
DT  N1    C2     sing N N 136 
DT  N1    C6     sing N N 137 
DT  C2    O2     doub N N 138 
DT  C2    N3     sing N N 139 
DT  N3    C4     sing N N 140 
DT  N3    H3     sing N N 141 
DT  C4    O4     doub N N 142 
DT  C4    C5     sing N N 143 
DT  C5    C7     sing N N 144 
DT  C5    C6     doub N N 145 
DT  C7    H71    sing N N 146 
DT  C7    H72    sing N N 147 
DT  C7    H73    sing N N 148 
DT  C6    H6     sing N N 149 
HOH O     H1     sing N N 150 
HOH O     H2     sing N N 151 
NGM C1    C2     doub Y N 152 
NGM C1    C16    sing Y N 153 
NGM C1    O1     sing N N 154 
NGM C2    C3     sing Y N 155 
NGM C2    C34    sing N N 156 
NGM C3    C4     doub Y N 157 
NGM C3    H3     sing N N 158 
NGM C4    C17    sing Y N 159 
NGM C4    O4     sing N N 160 
NGM C5    C17    sing N N 161 
NGM C5    C18    sing N N 162 
NGM C5    O5     doub N N 163 
NGM C6    C18    doub Y N 164 
NGM C6    C19    sing Y N 165 
NGM C6    O6     sing N N 166 
NGM C7    C8     sing N N 167 
NGM C7    C19    sing N N 168 
NGM C7    O7     sing N N 169 
NGM C7    H7     sing N N 170 
NGM C8    C9     sing N N 171 
NGM C8    H81    sing N N 172 
NGM C8    H82    sing N N 173 
NGM C9    C10    sing N N 174 
NGM C9    C13    sing N N 175 
NGM C9    O9     sing N N 176 
NGM C10   C14    sing N N 177 
NGM C10   C20    sing N N 178 
NGM C10   H10    sing N N 179 
NGM C11   C20    sing Y N 180 
NGM C11   C21    doub Y N 181 
NGM C11   H11    sing N N 182 
NGM C12   C16    sing N N 183 
NGM C12   C21    sing N N 184 
NGM C12   O12    doub N N 185 
NGM C13   H131   sing N N 186 
NGM C13   H132   sing N N 187 
NGM C13   H133   sing N N 188 
NGM C14   O10    sing N N 189 
NGM C14   O14    doub N N 190 
NGM C15   O10    sing N N 191 
NGM C15   H151   sing N N 192 
NGM C15   H152   sing N N 193 
NGM C15   H153   sing N N 194 
NGM C16   C17    doub Y N 195 
NGM C18   C21    sing Y N 196 
NGM C19   C20    doub Y N 197 
NGM C22   C34    sing N N 198 
NGM C22   H221   sing N N 199 
NGM C22   H222   sing N N 200 
NGM C22   H223   sing N N 201 
NGM C23   N1     sing N N 202 
NGM C23   H231   sing N N 203 
NGM C23   H232   sing N N 204 
NGM C23   H233   sing N N 205 
NGM C24   N1     sing N N 206 
NGM C24   H241   sing N N 207 
NGM C24   H242   sing N N 208 
NGM C24   H243   sing N N 209 
NGM C25   "C5'"  sing N N 210 
NGM C25   H251   sing N N 211 
NGM C25   H252   sing N N 212 
NGM C25   H253   sing N N 213 
NGM C26   "O4'"  sing N N 214 
NGM C26   H261   sing N N 215 
NGM C26   H262   sing N N 216 
NGM C26   H263   sing N N 217 
NGM C27   "O3'"  sing N N 218 
NGM C27   H271   sing N N 219 
NGM C27   H272   sing N N 220 
NGM C27   H273   sing N N 221 
NGM C28   "C3'"  sing N N 222 
NGM C28   H281   sing N N 223 
NGM C28   H282   sing N N 224 
NGM C28   H283   sing N N 225 
NGM C29   "O2'"  sing N N 226 
NGM C29   H291   sing N N 227 
NGM C29   H292   sing N N 228 
NGM C29   H293   sing N N 229 
NGM C30   C31    sing N N 230 
NGM C30   O1     sing N N 231 
NGM C30   O2     sing N N 232 
NGM C30   H30    sing N N 233 
NGM C31   C32    sing N N 234 
NGM C31   O15    sing N N 235 
NGM C31   H31    sing N N 236 
NGM C32   C33    sing N N 237 
NGM C32   N1     sing N N 238 
NGM C32   H32    sing N N 239 
NGM C33   C34    sing N N 240 
NGM C33   O16    sing N N 241 
NGM C33   H33    sing N N 242 
NGM C34   O2     sing N N 243 
NGM "C1'" "C2'"  sing N N 244 
NGM "C1'" O7     sing N N 245 
NGM "C1'" "O1'"  sing N N 246 
NGM "C1'" "H1'"  sing N N 247 
NGM "C2'" "C3'"  sing N N 248 
NGM "C2'" "O2'"  sing N N 249 
NGM "C2'" "H2'"  sing N N 250 
NGM "C3'" "C4'"  sing N N 251 
NGM "C3'" "O3'"  sing N N 252 
NGM "C4'" "C5'"  sing N N 253 
NGM "C4'" "O4'"  sing N N 254 
NGM "C4'" "H4'"  sing N N 255 
NGM "C5'" "O1'"  sing N N 256 
NGM "C5'" "H5'"  sing N N 257 
NGM O4    HO4    sing N N 258 
NGM O6    HO6    sing N N 259 
NGM O9    HO9    sing N N 260 
NGM O15   H15    sing N N 261 
NGM O16   H16    sing N N 262 
# 
_ndb_struct_conf_na.entry_id   245D 
_ndb_struct_conf_na.feature    'b-form double helix' 
# 
loop_
_ndb_struct_na_base_pair.model_number 
_ndb_struct_na_base_pair.i_label_asym_id 
_ndb_struct_na_base_pair.i_label_comp_id 
_ndb_struct_na_base_pair.i_label_seq_id 
_ndb_struct_na_base_pair.i_symmetry 
_ndb_struct_na_base_pair.j_label_asym_id 
_ndb_struct_na_base_pair.j_label_comp_id 
_ndb_struct_na_base_pair.j_label_seq_id 
_ndb_struct_na_base_pair.j_symmetry 
_ndb_struct_na_base_pair.shear 
_ndb_struct_na_base_pair.stretch 
_ndb_struct_na_base_pair.stagger 
_ndb_struct_na_base_pair.buckle 
_ndb_struct_na_base_pair.propeller 
_ndb_struct_na_base_pair.opening 
_ndb_struct_na_base_pair.pair_number 
_ndb_struct_na_base_pair.pair_name 
_ndb_struct_na_base_pair.i_auth_asym_id 
_ndb_struct_na_base_pair.i_auth_seq_id 
_ndb_struct_na_base_pair.i_PDB_ins_code 
_ndb_struct_na_base_pair.j_auth_asym_id 
_ndb_struct_na_base_pair.j_auth_seq_id 
_ndb_struct_na_base_pair.j_PDB_ins_code 
_ndb_struct_na_base_pair.hbond_type_28 
_ndb_struct_na_base_pair.hbond_type_12 
1 A DT 1 1_555 B DA 6 1_555 0.051  -0.022 -0.011 11.805  2.633  -0.068 1 A_DT1:DA12_B A 1 ? B 12 ? 20 1 
1 A DG 2 1_555 B DC 5 1_555 -0.399 -0.035 -0.437 -25.631 2.270  -0.617 2 A_DG2:DC11_B A 2 ? B 11 ? 19 1 
1 A DA 3 1_555 B DT 4 1_555 -0.058 0.063  -0.116 -5.805  -3.796 5.149  3 A_DA3:DT10_B A 3 ? B 10 ? 20 1 
1 A DT 4 1_555 B DA 3 1_555 -0.006 -0.015 -0.110 6.038   -3.616 5.154  4 A_DT4:DA9_B  A 4 ? B 9  ? 20 1 
1 A DC 5 1_555 B DG 2 1_555 0.362  -0.030 -0.493 24.974  2.491  -0.753 5 A_DC5:DG8_B  A 5 ? B 8  ? 19 1 
1 A DA 6 1_555 B DT 1 1_555 0.062  -0.038 -0.047 -10.955 1.374  -1.577 6 A_DA6:DT7_B  A 6 ? B 7  ? 20 1 
# 
loop_
_ndb_struct_na_base_pair_step.model_number 
_ndb_struct_na_base_pair_step.i_label_asym_id_1 
_ndb_struct_na_base_pair_step.i_label_comp_id_1 
_ndb_struct_na_base_pair_step.i_label_seq_id_1 
_ndb_struct_na_base_pair_step.i_symmetry_1 
_ndb_struct_na_base_pair_step.j_label_asym_id_1 
_ndb_struct_na_base_pair_step.j_label_comp_id_1 
_ndb_struct_na_base_pair_step.j_label_seq_id_1 
_ndb_struct_na_base_pair_step.j_symmetry_1 
_ndb_struct_na_base_pair_step.i_label_asym_id_2 
_ndb_struct_na_base_pair_step.i_label_comp_id_2 
_ndb_struct_na_base_pair_step.i_label_seq_id_2 
_ndb_struct_na_base_pair_step.i_symmetry_2 
_ndb_struct_na_base_pair_step.j_label_asym_id_2 
_ndb_struct_na_base_pair_step.j_label_comp_id_2 
_ndb_struct_na_base_pair_step.j_label_seq_id_2 
_ndb_struct_na_base_pair_step.j_symmetry_2 
_ndb_struct_na_base_pair_step.shift 
_ndb_struct_na_base_pair_step.slide 
_ndb_struct_na_base_pair_step.rise 
_ndb_struct_na_base_pair_step.tilt 
_ndb_struct_na_base_pair_step.roll 
_ndb_struct_na_base_pair_step.twist 
_ndb_struct_na_base_pair_step.x_displacement 
_ndb_struct_na_base_pair_step.y_displacement 
_ndb_struct_na_base_pair_step.helical_rise 
_ndb_struct_na_base_pair_step.inclination 
_ndb_struct_na_base_pair_step.tip 
_ndb_struct_na_base_pair_step.helical_twist 
_ndb_struct_na_base_pair_step.step_number 
_ndb_struct_na_base_pair_step.step_name 
_ndb_struct_na_base_pair_step.i_auth_asym_id_1 
_ndb_struct_na_base_pair_step.i_auth_seq_id_1 
_ndb_struct_na_base_pair_step.i_PDB_ins_code_1 
_ndb_struct_na_base_pair_step.j_auth_asym_id_1 
_ndb_struct_na_base_pair_step.j_auth_seq_id_1 
_ndb_struct_na_base_pair_step.j_PDB_ins_code_1 
_ndb_struct_na_base_pair_step.i_auth_asym_id_2 
_ndb_struct_na_base_pair_step.i_auth_seq_id_2 
_ndb_struct_na_base_pair_step.i_PDB_ins_code_2 
_ndb_struct_na_base_pair_step.j_auth_asym_id_2 
_ndb_struct_na_base_pair_step.j_auth_seq_id_2 
_ndb_struct_na_base_pair_step.j_PDB_ins_code_2 
1 A DT 1 1_555 B DA 6 1_555 A DG 2 1_555 B DC 5 1_555 1.531  -0.150 7.148 12.798  1.588  29.661 -0.915 2.440  7.167 2.934   
-23.642 32.286 1 AA_DT1DG2:DC11DA12_BB A 1 ? B 12 ? A 2 ? B 11 ? 
1 A DG 2 1_555 B DC 5 1_555 A DA 3 1_555 B DT 4 1_555 -0.404 0.474  3.102 -2.930  4.975  30.441 -0.040 0.211  3.162 9.368   5.518 
30.971 2 AA_DG2DA3:DT10DC11_BB A 2 ? B 11 ? A 3 ? B 10 ? 
1 A DA 3 1_555 B DT 4 1_555 A DT 4 1_555 B DA 3 1_555 0.189  -0.593 3.138 0.342   -6.361 33.371 -0.020 -0.270 3.195 -10.954 -0.589 
33.956 3 AA_DA3DT4:DA9DT10_BB  A 3 ? B 10 ? A 4 ? B 9  ? 
1 A DT 4 1_555 B DA 3 1_555 A DC 5 1_555 B DG 2 1_555 0.473  0.619  3.118 5.507   5.462  30.698 0.142  0.133  3.212 10.115  
-10.200 31.640 4 AA_DT4DC5:DG8DA9_BB   A 4 ? B 9  ? A 5 ? B 8  ? 
1 A DC 5 1_555 B DG 2 1_555 A DA 6 1_555 B DT 1 1_555 -1.321 0.371  7.126 -12.843 0.361  33.769 0.484  -1.979 7.147 0.595   21.181 
36.064 5 AA_DC5DA6:DT7DG8_BB   A 5 ? B 8  ? A 6 ? B 7  ? 
# 
_atom_sites.entry_id                    245D 
_atom_sites.fract_transf_matrix[1][1]   0.02070231 
_atom_sites.fract_transf_matrix[1][2]   0.00291608 
_atom_sites.fract_transf_matrix[1][3]   -0.01679471 
_atom_sites.fract_transf_matrix[2][1]   0.00153204 
_atom_sites.fract_transf_matrix[2][2]   -0.02663306 
_atom_sites.fract_transf_matrix[2][3]   -0.00273582 
_atom_sites.fract_transf_matrix[3][1]   -0.00890158 
_atom_sites.fract_transf_matrix[3][2]   0.00060431 
_atom_sites.fract_transf_matrix[3][3]   -0.01086777 
_atom_sites.fract_transf_vector[1]      0.298955 
_atom_sites.fract_transf_vector[2]      0.190319 
_atom_sites.fract_transf_vector[3]      0.249681 
# 
loop_
_atom_type.symbol 
C 
N 
O 
P 
# 
loop_
_atom_site.group_PDB 
_atom_site.id 
_atom_site.type_symbol 
_atom_site.label_atom_id 
_atom_site.label_alt_id 
_atom_site.label_comp_id 
_atom_site.label_asym_id 
_atom_site.label_entity_id 
_atom_site.label_seq_id 
_atom_site.pdbx_PDB_ins_code 
_atom_site.Cartn_x 
_atom_site.Cartn_y 
_atom_site.Cartn_z 
_atom_site.occupancy 
_atom_site.B_iso_or_equiv 
_atom_site.pdbx_formal_charge 
_atom_site.auth_seq_id 
_atom_site.auth_comp_id 
_atom_site.auth_asym_id 
_atom_site.auth_atom_id 
_atom_site.pdbx_PDB_model_num 
ATOM   1   O "O5'" . DT  A 1 1 ? -10.414 -9.816  -4.641  1.00 22.44 ? 1  DT  A "O5'" 1 
ATOM   2   C "C5'" . DT  A 1 1 ? -11.710 -9.603  -4.054  1.00 18.74 ? 1  DT  A "C5'" 1 
ATOM   3   C "C4'" . DT  A 1 1 ? -11.629 -8.730  -2.865  1.00 14.55 ? 1  DT  A "C4'" 1 
ATOM   4   O "O4'" . DT  A 1 1 ? -10.935 -9.469  -1.769  1.00 14.33 ? 1  DT  A "O4'" 1 
ATOM   5   C "C3'" . DT  A 1 1 ? -10.832 -7.460  -2.934  1.00 12.79 ? 1  DT  A "C3'" 1 
ATOM   6   O "O3'" . DT  A 1 1 ? -11.719 -6.464  -3.497  1.00 17.07 ? 1  DT  A "O3'" 1 
ATOM   7   C "C2'" . DT  A 1 1 ? -10.441 -7.141  -1.522  1.00 18.12 ? 1  DT  A "C2'" 1 
ATOM   8   C "C1'" . DT  A 1 1 ? -10.609 -8.515  -0.758  1.00 13.45 ? 1  DT  A "C1'" 1 
ATOM   9   N N1    . DT  A 1 1 ? -9.408  -8.941  -0.029  1.00 10.81 ? 1  DT  A N1    1 
ATOM   10  C C2    . DT  A 1 1 ? -9.208  -8.395  1.241   1.00 9.52  ? 1  DT  A C2    1 
ATOM   11  O O2    . DT  A 1 1 ? -9.939  -7.593  1.791   1.00 13.57 ? 1  DT  A O2    1 
ATOM   12  N N3    . DT  A 1 1 ? -8.049  -8.888  1.812   1.00 14.15 ? 1  DT  A N3    1 
ATOM   13  C C4    . DT  A 1 1 ? -7.133  -9.787  1.295   1.00 15.29 ? 1  DT  A C4    1 
ATOM   14  O O4    . DT  A 1 1 ? -6.121  -10.141 1.936   1.00 12.31 ? 1  DT  A O4    1 
ATOM   15  C C5    . DT  A 1 1 ? -7.438  -10.311 -0.037  1.00 11.83 ? 1  DT  A C5    1 
ATOM   16  C C7    . DT  A 1 1 ? -6.451  -11.312 -0.633  1.00 11.29 ? 1  DT  A C7    1 
ATOM   17  C C6    . DT  A 1 1 ? -8.544  -9.863  -0.616  1.00 14.11 ? 1  DT  A C6    1 
ATOM   18  P P     . DG  A 1 2 ? -11.281 -5.264  -4.521  1.00 23.83 ? 2  DG  A P     1 
ATOM   19  O OP1   . DG  A 1 2 ? -12.500 -4.516  -4.902  1.00 32.60 ? 2  DG  A OP1   1 
ATOM   20  O OP2   . DG  A 1 2 ? -10.410 -5.928  -5.526  1.00 29.03 ? 2  DG  A OP2   1 
ATOM   21  O "O5'" . DG  A 1 2 ? -10.319 -4.328  -3.589  1.00 18.81 ? 2  DG  A "O5'" 1 
ATOM   22  C "C5'" . DG  A 1 2 ? -10.849 -3.497  -2.532  1.00 14.94 ? 2  DG  A "C5'" 1 
ATOM   23  C "C4'" . DG  A 1 2 ? -9.823  -2.502  -2.101  1.00 17.19 ? 2  DG  A "C4'" 1 
ATOM   24  O "O4'" . DG  A 1 2 ? -8.720  -3.289  -1.485  1.00 14.58 ? 2  DG  A "O4'" 1 
ATOM   25  C "C3'" . DG  A 1 2 ? -9.158  -1.685  -3.140  1.00 19.39 ? 2  DG  A "C3'" 1 
ATOM   26  O "O3'" . DG  A 1 2 ? -9.342  -0.324  -2.649  1.00 28.23 ? 2  DG  A "O3'" 1 
ATOM   27  C "C2'" . DG  A 1 2 ? -7.682  -1.988  -3.175  1.00 22.55 ? 2  DG  A "C2'" 1 
ATOM   28  C "C1'" . DG  A 1 2 ? -7.502  -2.654  -1.724  1.00 17.18 ? 2  DG  A "C1'" 1 
ATOM   29  N N9    . DG  A 1 2 ? -6.266  -3.409  -1.693  1.00 17.32 ? 2  DG  A N9    1 
ATOM   30  C C8    . DG  A 1 2 ? -5.821  -4.316  -2.628  1.00 13.07 ? 2  DG  A C8    1 
ATOM   31  N N7    . DG  A 1 2 ? -4.685  -4.835  -2.342  1.00 14.90 ? 2  DG  A N7    1 
ATOM   32  C C5    . DG  A 1 2 ? -4.329  -4.234  -1.116  1.00 12.39 ? 2  DG  A C5    1 
ATOM   33  C C6    . DG  A 1 2 ? -3.195  -4.405  -0.313  1.00 12.35 ? 2  DG  A C6    1 
ATOM   34  O O6    . DG  A 1 2 ? -2.190  -5.121  -0.443  1.00 11.40 ? 2  DG  A O6    1 
ATOM   35  N N1    . DG  A 1 2 ? -3.273  -3.608  0.810   1.00 14.22 ? 2  DG  A N1    1 
ATOM   36  C C2    . DG  A 1 2 ? -4.296  -2.751  1.128   1.00 10.40 ? 2  DG  A C2    1 
ATOM   37  N N2    . DG  A 1 2 ? -4.161  -2.074  2.276   1.00 13.32 ? 2  DG  A N2    1 
ATOM   38  N N3    . DG  A 1 2 ? -5.383  -2.568  0.388   1.00 12.28 ? 2  DG  A N3    1 
ATOM   39  C C4    . DG  A 1 2 ? -5.293  -3.362  -0.716  1.00 14.11 ? 2  DG  A C4    1 
ATOM   40  P P     . DA  A 1 3 ? -9.543  1.115   -3.331  1.00 23.33 ? 3  DA  A P     1 
ATOM   41  O OP1   . DA  A 1 3 ? -10.975 1.435   -3.290  1.00 40.58 ? 3  DA  A OP1   1 
ATOM   42  O OP2   . DA  A 1 3 ? -8.925  1.185   -4.644  1.00 33.26 ? 3  DA  A OP2   1 
ATOM   43  O "O5'" . DA  A 1 3 ? -8.756  2.072   -2.259  1.00 18.29 ? 3  DA  A "O5'" 1 
ATOM   44  C "C5'" . DA  A 1 3 ? -9.144  1.983   -0.882  1.00 16.35 ? 3  DA  A "C5'" 1 
ATOM   45  C "C4'" . DA  A 1 3 ? -8.039  2.503   -0.007  1.00 13.77 ? 3  DA  A "C4'" 1 
ATOM   46  O "O4'" . DA  A 1 3 ? -6.955  1.505   0.013   1.00 15.00 ? 3  DA  A "O4'" 1 
ATOM   47  C "C3'" . DA  A 1 3 ? -7.385  3.754   -0.428  1.00 17.30 ? 3  DA  A "C3'" 1 
ATOM   48  O "O3'" . DA  A 1 3 ? -7.278  4.524   0.820   1.00 19.41 ? 3  DA  A "O3'" 1 
ATOM   49  C "C2'" . DA  A 1 3 ? -6.060  3.402   -1.062  1.00 14.26 ? 3  DA  A "C2'" 1 
ATOM   50  C "C1'" . DA  A 1 3 ? -5.659  2.101   -0.289  1.00 14.88 ? 3  DA  A "C1'" 1 
ATOM   51  N N9    . DA  A 1 3 ? -4.817  1.130   -0.973  1.00 11.46 ? 3  DA  A N9    1 
ATOM   52  C C8    . DA  A 1 3 ? -4.987  0.578   -2.228  1.00 14.60 ? 3  DA  A C8    1 
ATOM   53  N N7    . DA  A 1 3 ? -4.064  -0.293  -2.576  1.00 13.50 ? 3  DA  A N7    1 
ATOM   54  C C5    . DA  A 1 3 ? -3.218  -0.317  -1.452  1.00 11.23 ? 3  DA  A C5    1 
ATOM   55  C C6    . DA  A 1 3 ? -2.027  -1.010  -1.168  1.00 10.90 ? 3  DA  A C6    1 
ATOM   56  N N6    . DA  A 1 3 ? -1.481  -1.880  -2.033  1.00 13.00 ? 3  DA  A N6    1 
ATOM   57  N N1    . DA  A 1 3 ? -1.422  -0.820  0.030   1.00 11.81 ? 3  DA  A N1    1 
ATOM   58  C C2    . DA  A 1 3 ? -1.971  0.044   0.891   1.00 10.49 ? 3  DA  A C2    1 
ATOM   59  N N3    . DA  A 1 3 ? -3.080  0.776   0.739   1.00 12.86 ? 3  DA  A N3    1 
ATOM   60  C C4    . DA  A 1 3 ? -3.663  0.553   -0.474  1.00 12.18 ? 3  DA  A C4    1 
ATOM   61  P P     . DT  A 1 4 ? -6.862  6.092   0.928   1.00 20.96 ? 4  DT  A P     1 
ATOM   62  O OP1   . DT  A 1 4 ? -7.784  6.770   1.824   1.00 23.58 ? 4  DT  A OP1   1 
ATOM   63  O OP2   . DT  A 1 4 ? -6.862  6.634   -0.437  1.00 20.62 ? 4  DT  A OP2   1 
ATOM   64  O "O5'" . DT  A 1 4 ? -5.321  6.093   1.438   1.00 20.06 ? 4  DT  A "O5'" 1 
ATOM   65  C "C5'" . DT  A 1 4 ? -4.899  5.633   2.747   1.00 19.02 ? 4  DT  A "C5'" 1 
ATOM   66  C "C4'" . DT  A 1 4 ? -3.422  5.443   2.718   1.00 15.84 ? 4  DT  A "C4'" 1 
ATOM   67  O "O4'" . DT  A 1 4 ? -3.107  4.362   1.768   1.00 14.38 ? 4  DT  A "O4'" 1 
ATOM   68  C "C3'" . DT  A 1 4 ? -2.624  6.562   2.198   1.00 15.55 ? 4  DT  A "C3'" 1 
ATOM   69  O "O3'" . DT  A 1 4 ? -2.350  7.432   3.315   1.00 21.79 ? 4  DT  A "O3'" 1 
ATOM   70  C "C2'" . DT  A 1 4 ? -1.434  5.989   1.480   1.00 14.11 ? 4  DT  A "C2'" 1 
ATOM   71  C "C1'" . DT  A 1 4 ? -1.701  4.451   1.453   1.00 14.34 ? 4  DT  A "C1'" 1 
ATOM   72  N N1    . DT  A 1 4 ? -1.423  3.715   0.230   1.00 9.13  ? 4  DT  A N1    1 
ATOM   73  C C2    . DT  A 1 4 ? -0.379  2.776   0.228   1.00 10.90 ? 4  DT  A C2    1 
ATOM   74  O O2    . DT  A 1 4 ? 0.339   2.486   1.177   1.00 13.54 ? 4  DT  A O2    1 
ATOM   75  N N3    . DT  A 1 4 ? -0.169  2.122   -0.965  1.00 12.17 ? 4  DT  A N3    1 
ATOM   76  C C4    . DT  A 1 4 ? -0.881  2.299   -2.148  1.00 9.31  ? 4  DT  A C4    1 
ATOM   77  O O4    . DT  A 1 4 ? -0.613  1.666   -3.154  1.00 10.99 ? 4  DT  A O4    1 
ATOM   78  C C5    . DT  A 1 4 ? -1.931  3.296   -2.088  1.00 9.56  ? 4  DT  A C5    1 
ATOM   79  C C7    . DT  A 1 4 ? -2.777  3.579   -3.311  1.00 14.25 ? 4  DT  A C7    1 
ATOM   80  C C6    . DT  A 1 4 ? -2.149  3.938   -0.910  1.00 10.92 ? 4  DT  A C6    1 
ATOM   81  P P     . DC  A 1 5 ? -1.706  8.942   3.176   1.00 24.94 ? 5  DC  A P     1 
ATOM   82  O OP1   . DC  A 1 5 ? -1.937  9.563   4.477   1.00 33.92 ? 5  DC  A OP1   1 
ATOM   83  O OP2   . DC  A 1 5 ? -2.314  9.585   1.989   1.00 30.31 ? 5  DC  A OP2   1 
ATOM   84  O "O5'" . DC  A 1 5 ? -0.120  8.652   2.909   1.00 20.21 ? 5  DC  A "O5'" 1 
ATOM   85  C "C5'" . DC  A 1 5 ? 0.789   8.175   3.951   1.00 14.75 ? 5  DC  A "C5'" 1 
ATOM   86  C "C4'" . DC  A 1 5 ? 2.159   7.962   3.358   1.00 14.49 ? 5  DC  A "C4'" 1 
ATOM   87  O "O4'" . DC  A 1 5 ? 1.970   6.911   2.326   1.00 13.92 ? 5  DC  A "O4'" 1 
ATOM   88  C "C3'" . DC  A 1 5 ? 2.711   9.125   2.601   1.00 12.58 ? 5  DC  A "C3'" 1 
ATOM   89  O "O3'" . DC  A 1 5 ? 4.113   9.181   2.911   1.00 13.29 ? 5  DC  A "O3'" 1 
ATOM   90  C "C2'" . DC  A 1 5 ? 2.458   8.883   1.130   1.00 13.22 ? 5  DC  A "C2'" 1 
ATOM   91  C "C1'" . DC  A 1 5 ? 2.465   7.298   1.099   1.00 14.86 ? 5  DC  A "C1'" 1 
ATOM   92  N N1    . DC  A 1 5 ? 1.959   6.696   -0.109  1.00 9.68  ? 5  DC  A N1    1 
ATOM   93  C C2    . DC  A 1 5 ? 2.514   5.494   -0.520  1.00 9.09  ? 5  DC  A C2    1 
ATOM   94  O O2    . DC  A 1 5 ? 3.416   4.961   0.154   1.00 11.09 ? 5  DC  A O2    1 
ATOM   95  N N3    . DC  A 1 5 ? 2.013   4.938   -1.649  1.00 11.09 ? 5  DC  A N3    1 
ATOM   96  C C4    . DC  A 1 5 ? 1.051   5.517   -2.389  1.00 7.98  ? 5  DC  A C4    1 
ATOM   97  N N4    . DC  A 1 5 ? 0.645   4.907   -3.485  1.00 9.22  ? 5  DC  A N4    1 
ATOM   98  C C5    . DC  A 1 5 ? 0.461   6.738   -1.975  1.00 11.69 ? 5  DC  A C5    1 
ATOM   99  C C6    . DC  A 1 5 ? 0.944   7.280   -0.836  1.00 11.21 ? 5  DC  A C6    1 
ATOM   100 P P     . DA  A 1 6 ? 4.817   10.288  3.854   1.00 14.17 ? 6  DA  A P     1 
ATOM   101 O OP1   . DA  A 1 6 ? 4.223   10.222  5.192   1.00 22.76 ? 6  DA  A OP1   1 
ATOM   102 O OP2   . DA  A 1 6 ? 4.630   11.615  3.254   1.00 23.16 ? 6  DA  A OP2   1 
ATOM   103 O "O5'" . DA  A 1 6 ? 6.389   9.858   3.852   1.00 12.68 ? 6  DA  A "O5'" 1 
ATOM   104 C "C5'" . DA  A 1 6 ? 6.901   8.640   4.449   1.00 14.14 ? 6  DA  A "C5'" 1 
ATOM   105 C "C4'" . DA  A 1 6 ? 8.210   8.210   3.844   1.00 11.59 ? 6  DA  A "C4'" 1 
ATOM   106 O "O4'" . DA  A 1 6 ? 7.982   7.812   2.444   1.00 11.10 ? 6  DA  A "O4'" 1 
ATOM   107 C "C3'" . DA  A 1 6 ? 9.256   9.261   3.778   1.00 13.21 ? 6  DA  A "C3'" 1 
ATOM   108 O "O3'" . DA  A 1 6 ? 10.524  8.622   4.016   1.00 16.49 ? 6  DA  A "O3'" 1 
ATOM   109 C "C2'" . DA  A 1 6 ? 9.172   9.872   2.416   1.00 11.46 ? 6  DA  A "C2'" 1 
ATOM   110 C "C1'" . DA  A 1 6 ? 8.745   8.663   1.538   1.00 10.44 ? 6  DA  A "C1'" 1 
ATOM   111 N N9    . DA  A 1 6 ? 7.944   8.932   0.351   1.00 9.10  ? 6  DA  A N9    1 
ATOM   112 C C8    . DA  A 1 6 ? 6.778   9.634   0.295   1.00 10.16 ? 6  DA  A C8    1 
ATOM   113 N N7    . DA  A 1 6 ? 6.241   9.740   -0.899  1.00 9.28  ? 6  DA  A N7    1 
ATOM   114 C C5    . DA  A 1 6 ? 7.138   9.027   -1.692  1.00 9.74  ? 6  DA  A C5    1 
ATOM   115 C C6    . DA  A 1 6 ? 7.169   8.727   -3.078  1.00 7.24  ? 6  DA  A C6    1 
ATOM   116 N N6    . DA  A 1 6 ? 6.219   9.155   -3.916  1.00 11.68 ? 6  DA  A N6    1 
ATOM   117 N N1    . DA  A 1 6 ? 8.207   8.007   -3.561  1.00 8.86  ? 6  DA  A N1    1 
ATOM   118 C C2    . DA  A 1 6 ? 9.139   7.600   -2.681  1.00 10.17 ? 6  DA  A C2    1 
ATOM   119 N N3    . DA  A 1 6 ? 9.246   7.801   -1.362  1.00 8.97  ? 6  DA  A N3    1 
ATOM   120 C C4    . DA  A 1 6 ? 8.204   8.520   -0.930  1.00 8.20  ? 6  DA  A C4    1 
ATOM   121 O "O5'" . DT  B 1 1 ? 7.229   2.405   -9.077  1.00 40.64 ? 7  DT  B "O5'" 1 
ATOM   122 C "C5'" . DT  B 1 1 ? 8.159   2.865   -10.072 1.00 29.36 ? 7  DT  B "C5'" 1 
ATOM   123 C "C4'" . DT  B 1 1 ? 9.586   2.785   -9.643  1.00 29.24 ? 7  DT  B "C4'" 1 
ATOM   124 O "O4'" . DT  B 1 1 ? 10.089  4.188   -9.585  1.00 28.68 ? 7  DT  B "O4'" 1 
ATOM   125 C "C3'" . DT  B 1 1 ? 9.899   2.208   -8.335  1.00 29.46 ? 7  DT  B "C3'" 1 
ATOM   126 O "O3'" . DT  B 1 1 ? 10.996  1.240   -8.526  1.00 32.17 ? 7  DT  B "O3'" 1 
ATOM   127 C "C2'" . DT  B 1 1 ? 10.215  3.288   -7.381  1.00 26.44 ? 7  DT  B "C2'" 1 
ATOM   128 C "C1'" . DT  B 1 1 ? 10.244  4.608   -8.239  1.00 26.08 ? 7  DT  B "C1'" 1 
ATOM   129 N N1    . DT  B 1 1 ? 9.197   5.543   -7.857  1.00 11.36 ? 7  DT  B N1    1 
ATOM   130 C C2    . DT  B 1 1 ? 9.239   6.078   -6.569  1.00 10.91 ? 7  DT  B C2    1 
ATOM   131 O O2    . DT  B 1 1 ? 10.117  5.793   -5.748  1.00 12.42 ? 7  DT  B O2    1 
ATOM   132 N N3    . DT  B 1 1 ? 8.247   6.966   -6.276  1.00 10.30 ? 7  DT  B N3    1 
ATOM   133 C C4    . DT  B 1 1 ? 7.185   7.360   -7.092  1.00 8.75  ? 7  DT  B C4    1 
ATOM   134 O O4    . DT  B 1 1 ? 6.327   8.165   -6.729  1.00 10.73 ? 7  DT  B O4    1 
ATOM   135 C C5    . DT  B 1 1 ? 7.236   6.769   -8.402  1.00 9.73  ? 7  DT  B C5    1 
ATOM   136 C C7    . DT  B 1 1 ? 6.151   7.121   -9.426  1.00 15.04 ? 7  DT  B C7    1 
ATOM   137 C C6    . DT  B 1 1 ? 8.215   5.898   -8.732  1.00 13.41 ? 7  DT  B C6    1 
ATOM   138 P P     . DG  B 1 2 ? 10.855  -0.411  -8.381  1.00 29.26 ? 8  DG  B P     1 
ATOM   139 O OP1   . DG  B 1 2 ? 12.248  -0.921  -8.437  1.00 35.66 ? 8  DG  B OP1   1 
ATOM   140 O OP2   . DG  B 1 2 ? 9.743   -0.750  -9.331  1.00 37.63 ? 8  DG  B OP2   1 
ATOM   141 O "O5'" . DG  B 1 2 ? 10.249  -0.542  -6.880  1.00 26.62 ? 8  DG  B "O5'" 1 
ATOM   142 C "C5'" . DG  B 1 2 ? 10.911  -0.411  -5.605  1.00 20.18 ? 8  DG  B "C5'" 1 
ATOM   143 C "C4'" . DG  B 1 2 ? 9.962   -0.705  -4.510  1.00 16.80 ? 8  DG  B "C4'" 1 
ATOM   144 O "O4'" . DG  B 1 2 ? 8.913   0.368   -4.566  1.00 16.85 ? 8  DG  B "O4'" 1 
ATOM   145 C "C3'" . DG  B 1 2 ? 9.197   -1.956  -4.551  1.00 18.65 ? 8  DG  B "C3'" 1 
ATOM   146 O "O3'" . DG  B 1 2 ? 9.219   -2.446  -3.184  1.00 25.48 ? 8  DG  B "O3'" 1 
ATOM   147 C "C2'" . DG  B 1 2 ? 7.762   -1.628  -4.942  1.00 18.05 ? 8  DG  B "C2'" 1 
ATOM   148 C "C1'" . DG  B 1 2 ? 7.670   -0.196  -4.217  1.00 13.47 ? 8  DG  B "C1'" 1 
ATOM   149 N N9    . DG  B 1 2 ? 6.440   0.476   -4.569  1.00 9.79  ? 8  DG  B N9    1 
ATOM   150 C C8    . DG  B 1 2 ? 5.821   0.450   -5.802  1.00 13.39 ? 8  DG  B C8    1 
ATOM   151 N N7    . DG  B 1 2 ? 4.705   1.143   -5.863  1.00 12.75 ? 8  DG  B N7    1 
ATOM   152 C C5    . DG  B 1 2 ? 4.576   1.658   -4.580  1.00 9.83  ? 8  DG  B C5    1 
ATOM   153 C C6    . DG  B 1 2 ? 3.569   2.494   -4.036  1.00 8.96  ? 8  DG  B C6    1 
ATOM   154 O O6    . DG  B 1 2 ? 2.525   2.961   -4.629  1.00 10.14 ? 8  DG  B O6    1 
ATOM   155 N N1    . DG  B 1 2 ? 3.837   2.778   -2.709  1.00 8.53  ? 8  DG  B N1    1 
ATOM   156 C C2    . DG  B 1 2 ? 4.924   2.337   -1.974  1.00 7.41  ? 8  DG  B C2    1 
ATOM   157 N N2    . DG  B 1 2 ? 5.031   2.711   -0.694  1.00 9.61  ? 8  DG  B N2    1 
ATOM   158 N N3    . DG  B 1 2 ? 5.889   1.546   -2.465  1.00 11.15 ? 8  DG  B N3    1 
ATOM   159 C C4    . DG  B 1 2 ? 5.637   1.256   -3.785  1.00 10.83 ? 8  DG  B C4    1 
ATOM   160 P P     . DA  B 1 3 ? 9.516   -3.973  -2.732  1.00 22.64 ? 9  DA  B P     1 
ATOM   161 O OP1   . DA  B 1 3 ? 10.854  -4.315  -3.178  1.00 31.02 ? 9  DA  B OP1   1 
ATOM   162 O OP2   . DA  B 1 3 ? 8.576   -4.870  -3.430  1.00 37.07 ? 9  DA  B OP2   1 
ATOM   163 O "O5'" . DA  B 1 3 ? 9.303   -3.878  -1.144  1.00 30.70 ? 9  DA  B "O5'" 1 
ATOM   164 C "C5'" . DA  B 1 3 ? 9.816   -2.835  -0.269  1.00 26.46 ? 9  DA  B "C5'" 1 
ATOM   165 C "C4'" . DA  B 1 3 ? 8.767   -2.475  0.744   1.00 15.11 ? 9  DA  B "C4'" 1 
ATOM   166 O "O4'" . DA  B 1 3 ? 7.701   -1.701  0.058   1.00 18.93 ? 9  DA  B "O4'" 1 
ATOM   167 C "C3'" . DA  B 1 3 ? 8.064   -3.646  1.341   1.00 20.63 ? 9  DA  B "C3'" 1 
ATOM   168 O "O3'" . DA  B 1 3 ? 8.218   -3.423  2.768   1.00 27.18 ? 9  DA  B "O3'" 1 
ATOM   169 C "C2'" . DA  B 1 3 ? 6.629   -3.639  0.865   1.00 17.05 ? 9  DA  B "C2'" 1 
ATOM   170 C "C1'" . DA  B 1 3 ? 6.412   -2.141  0.452   1.00 17.56 ? 9  DA  B "C1'" 1 
ATOM   171 N N9    . DA  B 1 3 ? 5.421   -1.881  -0.598  1.00 13.42 ? 9  DA  B N9    1 
ATOM   172 C C8    . DA  B 1 3 ? 5.406   -2.397  -1.865  1.00 13.90 ? 9  DA  B C8    1 
ATOM   173 N N7    . DA  B 1 3 ? 4.404   -2.007  -2.614  1.00 16.99 ? 9  DA  B N7    1 
ATOM   174 C C5    . DA  B 1 3 ? 3.713   -1.156  -1.789  1.00 12.27 ? 9  DA  B C5    1 
ATOM   175 C C6    . DA  B 1 3 ? 2.540   -0.405  -1.989  1.00 13.64 ? 9  DA  B C6    1 
ATOM   176 N N6    . DA  B 1 3 ? 1.858   -0.394  -3.118  1.00 14.85 ? 9  DA  B N6    1 
ATOM   177 N N1    . DA  B 1 3 ? 2.091   0.354   -0.965  1.00 11.90 ? 9  DA  B N1    1 
ATOM   178 C C2    . DA  B 1 3 ? 2.782   0.346   0.186   1.00 10.99 ? 9  DA  B C2    1 
ATOM   179 N N3    . DA  B 1 3 ? 3.912   -0.334  0.489   1.00 12.17 ? 9  DA  B N3    1 
ATOM   180 C C4    . DA  B 1 3 ? 4.313   -1.063  -0.550  1.00 10.26 ? 9  DA  B C4    1 
ATOM   181 P P     . DT  B 1 4 ? 7.685   -4.437  3.938   1.00 36.65 ? 10 DT  B P     1 
ATOM   182 O OP1   . DT  B 1 4 ? 8.662   -4.294  5.033   1.00 55.03 ? 10 DT  B OP1   1 
ATOM   183 O OP2   . DT  B 1 4 ? 7.382   -5.710  3.256   1.00 62.70 ? 10 DT  B OP2   1 
ATOM   184 O "O5'" . DT  B 1 4 ? 6.266   -3.718  4.366   1.00 30.18 ? 10 DT  B "O5'" 1 
ATOM   185 C "C5'" . DT  B 1 4 ? 6.343   -2.468  5.111   1.00 26.54 ? 10 DT  B "C5'" 1 
ATOM   186 C "C4'" . DT  B 1 4 ? 4.951   -1.942  5.357   1.00 23.97 ? 10 DT  B "C4'" 1 
ATOM   187 O "O4'" . DT  B 1 4 ? 4.320   -1.781  4.022   1.00 20.85 ? 10 DT  B "O4'" 1 
ATOM   188 C "C3'" . DT  B 1 4 ? 4.075   -2.862  6.102   1.00 21.18 ? 10 DT  B "C3'" 1 
ATOM   189 O "O3'" . DT  B 1 4 ? 3.966   -2.395  7.488   1.00 25.81 ? 10 DT  B "O3'" 1 
ATOM   190 C "C2'" . DT  B 1 4 ? 2.780   -3.013  5.358   1.00 22.14 ? 10 DT  B "C2'" 1 
ATOM   191 C "C1'" . DT  B 1 4 ? 2.905   -2.072  4.134   1.00 15.76 ? 10 DT  B "C1'" 1 
ATOM   192 N N1    . DT  B 1 4 ? 2.431   -2.469  2.810   1.00 16.45 ? 10 DT  B N1    1 
ATOM   193 C C2    . DT  B 1 4 ? 1.370   -1.759  2.279   1.00 14.25 ? 10 DT  B C2    1 
ATOM   194 O O2    . DT  B 1 4 ? 0.789   -0.843  2.844   1.00 14.05 ? 10 DT  B O2    1 
ATOM   195 N N3    . DT  B 1 4 ? 1.029   -2.236  1.048   1.00 14.93 ? 10 DT  B N3    1 
ATOM   196 C C4    . DT  B 1 4 ? 1.565   -3.213  0.228   1.00 14.31 ? 10 DT  B C4    1 
ATOM   197 O O4    . DT  B 1 4 ? 1.108   -3.481  -0.885  1.00 12.61 ? 10 DT  B O4    1 
ATOM   198 C C5    . DT  B 1 4 ? 2.690   -3.910  0.882   1.00 14.47 ? 10 DT  B C5    1 
ATOM   199 C C7    . DT  B 1 4 ? 3.352   -5.016  0.120   1.00 21.98 ? 10 DT  B C7    1 
ATOM   200 C C6    . DT  B 1 4 ? 3.039   -3.487  2.098   1.00 18.68 ? 10 DT  B C6    1 
ATOM   201 P P     . DC  B 1 5 ? 3.340   -3.405  8.658   1.00 36.09 ? 11 DC  B P     1 
ATOM   202 O OP1   . DC  B 1 5 ? 3.542   -2.720  9.943   1.00 45.76 ? 11 DC  B OP1   1 
ATOM   203 O OP2   . DC  B 1 5 ? 3.836   -4.742  8.350   1.00 47.62 ? 11 DC  B OP2   1 
ATOM   204 O "O5'" . DC  B 1 5 ? 1.757   -3.310  8.248   1.00 31.60 ? 11 DC  B "O5'" 1 
ATOM   205 C "C5'" . DC  B 1 5 ? 0.959   -2.122  8.564   1.00 24.80 ? 11 DC  B "C5'" 1 
ATOM   206 C "C4'" . DC  B 1 5 ? -0.474  -2.529  8.287   1.00 27.11 ? 11 DC  B "C4'" 1 
ATOM   207 O "O4'" . DC  B 1 5 ? -0.492  -2.702  6.810   1.00 20.79 ? 11 DC  B "O4'" 1 
ATOM   208 C "C3'" . DC  B 1 5 ? -0.919  -3.844  8.810   1.00 24.45 ? 11 DC  B "C3'" 1 
ATOM   209 O "O3'" . DC  B 1 5 ? -2.306  -3.667  9.226   1.00 25.52 ? 11 DC  B "O3'" 1 
ATOM   210 C "C2'" . DC  B 1 5 ? -0.778  -4.856  7.697   1.00 29.80 ? 11 DC  B "C2'" 1 
ATOM   211 C "C1'" . DC  B 1 5 ? -1.062  -3.918  6.447   1.00 20.47 ? 11 DC  B "C1'" 1 
ATOM   212 N N1    . DC  B 1 5 ? -0.728  -4.448  5.145   1.00 14.43 ? 11 DC  B N1    1 
ATOM   213 C C2    . DC  B 1 5 ? -1.426  -3.926  4.042   1.00 14.13 ? 11 DC  B C2    1 
ATOM   214 O O2    . DC  B 1 5 ? -2.279  -3.067  4.293   1.00 13.69 ? 11 DC  B O2    1 
ATOM   215 N N3    . DC  B 1 5 ? -1.167  -4.395  2.790   1.00 16.82 ? 11 DC  B N3    1 
ATOM   216 C C4    . DC  B 1 5 ? -0.238  -5.337  2.612   1.00 14.61 ? 11 DC  B C4    1 
ATOM   217 N N4    . DC  B 1 5 ? 0.045   -5.803  1.409   1.00 15.55 ? 11 DC  B N4    1 
ATOM   218 C C5    . DC  B 1 5 ? 0.503   -5.861  3.719   1.00 17.81 ? 11 DC  B C5    1 
ATOM   219 C C6    . DC  B 1 5 ? 0.204   -5.387  4.931   1.00 19.16 ? 11 DC  B C6    1 
ATOM   220 P P     . DA  B 1 6 ? -2.781  -4.124  10.731  1.00 24.61 ? 12 DA  B P     1 
ATOM   221 O OP1   . DA  B 1 6 ? -2.164  -3.175  11.667  1.00 38.09 ? 12 DA  B OP1   1 
ATOM   222 O OP2   . DA  B 1 6 ? -2.562  -5.575  10.804  1.00 45.22 ? 12 DA  B OP2   1 
ATOM   223 O "O5'" . DA  B 1 6 ? -4.381  -3.789  10.614  1.00 23.73 ? 12 DA  B "O5'" 1 
ATOM   224 C "C5'" . DA  B 1 6 ? -4.908  -2.503  10.211  1.00 24.30 ? 12 DA  B "C5'" 1 
ATOM   225 C "C4'" . DA  B 1 6 ? -6.326  -2.637  9.759   1.00 28.30 ? 12 DA  B "C4'" 1 
ATOM   226 O "O4'" . DA  B 1 6 ? -6.357  -3.332  8.454   1.00 18.37 ? 12 DA  B "O4'" 1 
ATOM   227 C "C3'" . DA  B 1 6 ? -7.237  -3.435  10.616  1.00 32.42 ? 12 DA  B "C3'" 1 
ATOM   228 O "O3'" . DA  B 1 6 ? -8.526  -2.743  10.535  1.00 29.56 ? 12 DA  B "O3'" 1 
ATOM   229 C "C2'" . DA  B 1 6 ? -7.299  -4.833  10.044  1.00 24.00 ? 12 DA  B "C2'" 1 
ATOM   230 C "C1'" . DA  B 1 6 ? -7.165  -4.521  8.505   1.00 17.94 ? 12 DA  B "C1'" 1 
ATOM   231 N N9    . DA  B 1 6 ? -6.513  -5.565  7.725   1.00 13.60 ? 12 DA  B N9    1 
ATOM   232 C C8    . DA  B 1 6 ? -5.297  -6.100  7.940   1.00 16.40 ? 12 DA  B C8    1 
ATOM   233 N N7    . DA  B 1 6 ? -4.973  -7.019  7.069   1.00 19.03 ? 12 DA  B N7    1 
ATOM   234 C C5    . DA  B 1 6 ? -6.074  -7.078  6.221   1.00 18.08 ? 12 DA  B C5    1 
ATOM   235 C C6    . DA  B 1 6 ? -6.370  -7.863  5.077   1.00 14.80 ? 12 DA  B C6    1 
ATOM   236 N N6    . DA  B 1 6 ? -5.458  -8.764  4.641   1.00 13.49 ? 12 DA  B N6    1 
ATOM   237 N N1    . DA  B 1 6 ? -7.515  -7.705  4.440   1.00 12.50 ? 12 DA  B N1    1 
ATOM   238 C C2    . DA  B 1 6 ? -8.379  -6.791  4.934   1.00 13.86 ? 12 DA  B C2    1 
ATOM   239 N N3    . DA  B 1 6 ? -8.239  -6.005  5.984   1.00 16.80 ? 12 DA  B N3    1 
ATOM   240 C C4    . DA  B 1 6 ? -7.041  -6.185  6.607   1.00 13.43 ? 12 DA  B C4    1 
HETATM 241 C C1    . NGM C 2 . ? -4.044  -8.053  -0.279  1.00 13.03 ? 14 NGM A C1    1 
HETATM 242 C C2    . NGM C 2 . ? -2.827  -8.726  -0.042  1.00 13.21 ? 14 NGM A C2    1 
HETATM 243 C C3    . NGM C 2 . ? -2.135  -8.534  1.170   1.00 13.59 ? 14 NGM A C3    1 
HETATM 244 C C4    . NGM C 2 . ? -2.733  -7.735  2.177   1.00 11.58 ? 14 NGM A C4    1 
HETATM 245 C C5    . NGM C 2 . ? -4.471  -6.113  2.922   1.00 11.89 ? 14 NGM A C5    1 
HETATM 246 C C6    . NGM C 2 . ? -6.246  -4.472  3.625   1.00 11.71 ? 14 NGM A C6    1 
HETATM 247 C C7    . NGM C 2 . ? -7.837  -2.621  4.302   1.00 13.63 ? 14 NGM A C7    1 
HETATM 248 C C8    . NGM C 2 . ? -9.252  -2.100  4.057   1.00 17.83 ? 14 NGM A C8    1 
HETATM 249 C C9    . NGM C 2 . ? -9.733  -2.016  2.594   1.00 16.10 ? 14 NGM A C9    1 
HETATM 250 C C10   . NGM C 2 . ? -9.496  -3.327  1.827   1.00 13.53 ? 14 NGM A C10   1 
HETATM 251 C C11   . NGM C 2 . ? -7.658  -4.985  1.256   1.00 12.01 ? 14 NGM A C11   1 
HETATM 252 C C12   . NGM C 2 . ? -5.898  -6.576  0.515   1.00 10.05 ? 14 NGM A C12   1 
HETATM 253 C C13   . NGM C 2 . ? -8.761  -0.934  1.858   1.00 17.87 ? 14 NGM A C13   1 
HETATM 254 C C14   . NGM C 2 . ? -10.727 -4.275  2.028   1.00 13.75 ? 14 NGM A C14   1 
HETATM 255 C C15   A NGM C 2 . ? -12.884 -5.202  1.046   0.67 30.25 ? 14 NGM A C15   1 
HETATM 256 C C15   B NGM C 2 . ? -11.703 -5.939  3.670   0.33 10.75 ? 14 NGM A C15   1 
HETATM 257 C C16   . NGM C 2 . ? -4.659  -7.255  0.728   1.00 10.78 ? 14 NGM A C16   1 
HETATM 258 C C17   . NGM C 2 . ? -3.949  -7.050  1.960   1.00 9.91  ? 14 NGM A C17   1 
HETATM 259 C C18   . NGM C 2 . ? -5.687  -5.367  2.681   1.00 10.67 ? 14 NGM A C18   1 
HETATM 260 C C19   . NGM C 2 . ? -7.399  -3.699  3.310   1.00 12.94 ? 14 NGM A C19   1 
HETATM 261 C C20   . NGM C 2 . ? -8.189  -4.049  2.187   1.00 13.84 ? 14 NGM A C20   1 
HETATM 262 C C21   . NGM C 2 . ? -6.416  -5.622  1.484   1.00 10.81 ? 14 NGM A C21   1 
HETATM 263 C C22   . NGM C 2 . ? -1.318  -10.659 -0.643  1.00 20.00 ? 14 NGM A C22   1 
HETATM 264 C C23   . NGM C 2 . ? -0.505  -7.069  -4.888  1.00 27.49 ? 14 NGM A C23   1 
HETATM 265 C C24   . NGM C 2 . ? -1.606  -5.131  -4.006  1.00 16.11 ? 14 NGM A C24   1 
HETATM 266 C C25   . NGM C 2 . ? -9.016  1.624   6.545   1.00 25.18 ? 14 NGM A C25   1 
HETATM 267 C C26   . NGM C 2 . ? -6.336  4.427   5.774   1.00 32.36 ? 14 NGM A C26   1 
HETATM 268 C C27   . NGM C 2 . ? -2.953  1.790   4.223   1.00 20.26 ? 14 NGM A C27   1 
HETATM 269 C C28   . NGM C 2 . ? -5.735  1.187   3.239   1.00 16.68 ? 14 NGM A C28   1 
HETATM 270 C C29   . NGM C 2 . ? -3.386  -0.957  7.144   1.00 24.92 ? 14 NGM A C29   1 
HETATM 271 C C30   . NGM C 2 . ? -3.988  -8.836  -2.621  1.00 18.56 ? 14 NGM A C30   1 
HETATM 272 C C31   . NGM C 2 . ? -3.200  -7.951  -3.577  1.00 15.42 ? 14 NGM A C31   1 
HETATM 273 C C32   . NGM C 2 . ? -2.009  -7.514  -2.785  1.00 16.62 ? 14 NGM A C32   1 
HETATM 274 C C33   . NGM C 2 . ? -1.160  -8.544  -2.051  1.00 16.05 ? 14 NGM A C33   1 
HETATM 275 C C34   . NGM C 2 . ? -2.105  -9.343  -1.172  1.00 17.89 ? 14 NGM A C34   1 
HETATM 276 C "C1'" . NGM C 2 . ? -6.280  -1.072  5.535   1.00 17.69 ? 14 NGM A "C1'" 1 
HETATM 277 C "C2'" . NGM C 2 . ? -5.070  -0.158  5.385   1.00 14.24 ? 14 NGM A "C2'" 1 
HETATM 278 C "C3'" . NGM C 2 . ? -5.402  1.233   4.840   1.00 15.46 ? 14 NGM A "C3'" 1 
HETATM 279 C "C4'" . NGM C 2 . ? -6.526  1.854   5.682   1.00 20.50 ? 14 NGM A "C4'" 1 
HETATM 280 C "C5'" . NGM C 2 . ? -7.718  0.937   5.826   1.00 16.68 ? 14 NGM A "C5'" 1 
HETATM 281 N N1    . NGM C 2 . ? -1.015  -6.459  -3.591  1.00 14.83 ? 14 NGM A N1    1 
HETATM 282 O O1    . NGM C 2 . ? -4.644  -8.169  -1.523  1.00 13.40 ? 14 NGM A O1    1 
HETATM 283 O O2    . NGM C 2 . ? -3.144  -9.883  -2.081  1.00 16.43 ? 14 NGM A O2    1 
HETATM 284 O O4    . NGM C 2 . ? -2.067  -7.614  3.405   1.00 15.02 ? 14 NGM A O4    1 
HETATM 285 O O5    . NGM C 2 . ? -3.782  -5.901  4.060   1.00 14.26 ? 14 NGM A O5    1 
HETATM 286 O O6    . NGM C 2 . ? -5.483  -4.069  4.729   1.00 14.03 ? 14 NGM A O6    1 
HETATM 287 O O7    . NGM C 2 . ? -6.859  -1.536  4.267   1.00 13.76 ? 14 NGM A O7    1 
HETATM 288 O O9    . NGM C 2 . ? -11.084 -1.586  2.472   1.00 18.45 ? 14 NGM A O9    1 
HETATM 289 O O10   A NGM C 2 . ? -11.463 -4.558  1.166   0.67 18.58 ? 14 NGM A O10   1 
HETATM 290 O O10   B NGM C 2 . ? -11.086 -4.624  3.090   0.33 13.78 ? 14 NGM A O10   1 
HETATM 291 O O14   A NGM C 2 . ? -10.579 -4.879  3.244   0.67 14.44 ? 14 NGM A O14   1 
HETATM 292 O O14   B NGM C 2 . ? -11.388 -4.427  0.842   0.33 17.13 ? 14 NGM A O14   1 
HETATM 293 O O12   . NGM C 2 . ? -6.729  -6.839  -0.534  1.00 12.36 ? 14 NGM A O12   1 
HETATM 294 O O15   . NGM C 2 . ? -3.982  -6.924  -4.066  1.00 17.20 ? 14 NGM A O15   1 
HETATM 295 O O16   . NGM C 2 . ? -0.162  -7.900  -1.307  1.00 18.21 ? 14 NGM A O16   1 
HETATM 296 O "O1'" . NGM C 2 . ? -7.357  -0.405  6.261   1.00 17.92 ? 14 NGM A "O1'" 1 
HETATM 297 O "O2'" . NGM C 2 . ? -4.487  0.062   6.710   1.00 18.85 ? 14 NGM A "O2'" 1 
HETATM 298 O "O3'" . NGM C 2 . ? -4.239  2.101   5.019   1.00 16.79 ? 14 NGM A "O3'" 1 
HETATM 299 O "O4'" . NGM C 2 . ? -6.930  3.136   5.117   1.00 21.30 ? 14 NGM A "O4'" 1 
HETATM 300 C C1    . NGM D 2 . ? 4.362   4.895   -6.767  1.00 7.63  ? 13 NGM B C1    1 
HETATM 301 C C2    . NGM D 2 . ? 3.169   5.630   -6.973  1.00 8.11  ? 13 NGM B C2    1 
HETATM 302 C C3    . NGM D 2 . ? 2.656   6.427   -5.962  1.00 10.06 ? 13 NGM B C3    1 
HETATM 303 C C4    . NGM D 2 . ? 3.391   6.552   -4.756  1.00 9.15  ? 13 NGM B C4    1 
HETATM 304 C C5    . NGM D 2 . ? 5.225   5.897   -3.202  1.00 9.45  ? 13 NGM B C5    1 
HETATM 305 C C6    . NGM D 2 . ? 7.065   5.029   -1.726  1.00 10.46 ? 13 NGM B C6    1 
HETATM 306 C C7    . NGM D 2 . ? 8.879   4.230   -0.073  1.00 10.02 ? 13 NGM B C7    1 
HETATM 307 C C8    . NGM D 2 . ? 10.344  3.630   -0.028  1.00 11.43 ? 13 NGM B C8    1 
HETATM 308 C C9    . NGM D 2 . ? 10.497  2.338   -0.963  1.00 11.58 ? 13 NGM B C9    1 
HETATM 309 C C10   . NGM D 2 . ? 10.221  2.840   -2.471  1.00 11.04 ? 13 NGM B C10   1 
HETATM 310 C C11   . NGM D 2 . ? 8.161   3.595   -3.829  1.00 7.84  ? 13 NGM B C11   1 
HETATM 311 C C12   . NGM D 2 . ? 6.359   4.299   -5.374  1.00 8.68  ? 13 NGM B C12   1 
HETATM 312 C C13   . NGM D 2 . ? 9.614   1.191   -0.580  1.00 10.53 ? 13 NGM B C13   1 
HETATM 313 C C14   . NGM D 2 . ? 11.335  3.642   -3.135  1.00 12.08 ? 13 NGM B C14   1 
HETATM 314 C C15   . NGM D 2 . ? 13.088  3.378   -4.832  1.00 47.89 ? 13 NGM B C15   1 
HETATM 315 C C16   . NGM D 2 . ? 5.073   5.000   -5.565  1.00 9.71  ? 13 NGM B C16   1 
HETATM 316 C C17   . NGM D 2 . ? 4.567   5.841   -4.531  1.00 8.74  ? 13 NGM B C17   1 
HETATM 317 C C18   . NGM D 2 . ? 6.457   5.112   -2.993  1.00 9.59  ? 13 NGM B C18   1 
HETATM 318 C C19   . NGM D 2 . ? 8.263   4.296   -1.535  1.00 9.12  ? 13 NGM B C19   1 
HETATM 319 C C20   . NGM D 2 . ? 8.798   3.564   -2.579  1.00 10.27 ? 13 NGM B C20   1 
HETATM 320 C C21   . NGM D 2 . ? 6.994   4.336   -4.031  1.00 8.40  ? 13 NGM B C21   1 
HETATM 321 C C22   . NGM D 2 . ? 1.628   6.631   -8.838  1.00 12.31 ? 13 NGM B C22   1 
HETATM 322 C C23   . NGM D 2 . ? 1.397   0.571   -6.814  1.00 15.38 ? 13 NGM B C23   1 
HETATM 323 C C24   . NGM D 2 . ? 0.248   1.319   -8.734  1.00 16.55 ? 13 NGM B C24   1 
HETATM 324 C C25   . NGM D 2 . ? 10.277  3.028   4.418   1.00 19.53 ? 13 NGM B C25   1 
HETATM 325 C C26   . NGM D 2 . ? 7.932   0.852   6.133   1.00 32.59 ? 13 NGM B C26   1 
HETATM 326 C C27   . NGM D 2 . ? 4.358   1.658   3.646   1.00 15.37 ? 13 NGM B C27   1 
HETATM 327 C C28   . NGM D 2 . ? 6.925   1.067   2.436   1.00 16.06 ? 13 NGM B C28   1 
HETATM 328 C C29   . NGM D 2 . ? 5.138   5.474   3.365   1.00 14.85 ? 13 NGM B C29   1 
HETATM 329 C C30   . NGM D 2 . ? 3.999   3.822   -8.982  1.00 11.96 ? 13 NGM B C30   1 
HETATM 330 C C31   . NGM D 2 . ? 2.965   2.716   -8.790  1.00 12.25 ? 13 NGM B C31   1 
HETATM 331 C C32   . NGM D 2 . ? 1.934   2.880   -7.690  1.00 10.41 ? 13 NGM B C32   1 
HETATM 332 C C33   . NGM D 2 . ? 1.336   4.221   -8.136  1.00 13.96 ? 13 NGM B C33   1 
HETATM 333 C C34   . NGM D 2 . ? 2.250   5.426   -8.292  1.00 9.13  ? 13 NGM B C34   1 
HETATM 334 C "C1'" . NGM D 2 . ? 7.603   4.149   2.072   1.00 14.26 ? 13 NGM B "C1'" 1 
HETATM 335 C "C2'" . NGM D 2 . ? 6.387   3.506   2.747   1.00 14.28 ? 13 NGM B "C2'" 1 
HETATM 336 C "C3'" . NGM D 2 . ? 6.699   2.169   3.385   1.00 15.86 ? 13 NGM B "C3'" 1 
HETATM 337 C "C4'" . NGM D 2 . ? 7.910   2.337   4.301   1.00 14.49 ? 13 NGM B "C4'" 1 
HETATM 338 C "C5'" . NGM D 2 . ? 9.084   2.923   3.587   1.00 13.55 ? 13 NGM B "C5'" 1 
HETATM 339 N N1    . NGM D 2 . ? 0.939   1.785   -7.503  1.00 11.80 ? 13 NGM B N1    1 
HETATM 340 O O1    . NGM D 2 . ? 4.785   4.041   -7.796  1.00 9.84  ? 13 NGM B O1    1 
HETATM 341 O O2    . NGM D 2 . ? 3.156   4.929   -9.317  1.00 12.05 ? 13 NGM B O2    1 
HETATM 342 O O4    . NGM D 2 . ? 2.951   7.502   -3.814  1.00 9.36  ? 13 NGM B O4    1 
HETATM 343 O O5    . NGM D 2 . ? 4.779   6.669   -2.278  1.00 8.80  ? 13 NGM B O5    1 
HETATM 344 O O6    . NGM D 2 . ? 6.585   5.766   -0.641  1.00 9.88  ? 13 NGM B O6    1 
HETATM 345 O O7    . NGM D 2 . ? 7.978   3.556   0.815   1.00 10.23 ? 13 NGM B O7    1 
HETATM 346 O O9    . NGM D 2 . ? 11.915  1.977   -0.896  1.00 13.18 ? 13 NGM B O9    1 
HETATM 347 O O10   . NGM D 2 . ? 11.889  3.035   -4.090  1.00 13.70 ? 13 NGM B O10   1 
HETATM 348 O O14   . NGM D 2 . ? 11.550  4.785   -2.692  1.00 13.20 ? 13 NGM B O14   1 
HETATM 349 O O12   . NGM D 2 . ? 6.986   3.705   -6.299  1.00 10.15 ? 13 NGM B O12   1 
HETATM 350 O O15   . NGM D 2 . ? 3.712   1.543   -8.467  1.00 14.71 ? 13 NGM B O15   1 
HETATM 351 O O16   . NGM D 2 . ? 0.350   4.494   -7.125  1.00 13.11 ? 13 NGM B O16   1 
HETATM 352 O "O1'" . NGM D 2 . ? 8.713   4.194   3.004   1.00 12.89 ? 13 NGM B "O1'" 1 
HETATM 353 O "O2'" . NGM D 2 . ? 6.017   4.400   3.792   1.00 11.72 ? 13 NGM B "O2'" 1 
HETATM 354 O "O3'" . NGM D 2 . ? 5.639   1.805   4.280   1.00 15.04 ? 13 NGM B "O3'" 1 
HETATM 355 O "O4'" . NGM D 2 . ? 8.255   1.013   4.719   1.00 18.84 ? 13 NGM B "O4'" 1 
HETATM 356 O O     . HOH E 3 . ? 11.727  7.060   -0.027  1.00 13.70 ? 16 HOH A O     1 
HETATM 357 O O     . HOH E 3 . ? -1.229  6.858   -5.091  1.00 15.03 ? 18 HOH A O     1 
HETATM 358 O O     . HOH E 3 . ? -7.318  -7.847  -3.096  1.00 15.75 ? 19 HOH A O     1 
HETATM 359 O O     . HOH E 3 . ? 1.559   4.211   3.194   1.00 14.43 ? 20 HOH A O     1 
HETATM 360 O O     . HOH E 3 . ? -1.408  1.562   -5.849  1.00 15.50 ? 21 HOH A O     1 
HETATM 361 O O     . HOH E 3 . ? 14.333  6.400   -0.446  1.00 18.61 ? 22 HOH A O     1 
HETATM 362 O O     . HOH E 3 . ? -6.241  2.729   -4.759  1.00 27.58 ? 24 HOH A O     1 
HETATM 363 O O     . HOH E 3 . ? 11.643  9.820   6.169   1.00 23.54 ? 25 HOH A O     1 
HETATM 364 O O     . HOH E 3 . ? -4.042  -11.887 2.000   1.00 17.38 ? 29 HOH A O     1 
HETATM 365 O O     . HOH E 3 . ? -7.363  -5.918  -5.304  1.00 21.62 ? 31 HOH A O     1 
HETATM 366 O O     . HOH E 3 . ? -12.271 -1.062  0.060   1.00 30.74 ? 32 HOH A O     1 
HETATM 367 O O     . HOH E 3 . ? -9.591  -1.796  7.687   1.00 26.99 ? 33 HOH A O     1 
HETATM 368 O O     . HOH E 3 . ? -3.835  -2.051  -4.698  1.00 28.20 ? 34 HOH A O     1 
HETATM 369 O O     . HOH E 3 . ? -14.592 -3.426  -4.371  1.00 33.21 ? 35 HOH A O     1 
HETATM 370 O O     . HOH E 3 . ? 4.052   10.850  -2.560  1.00 23.78 ? 36 HOH A O     1 
HETATM 371 O O     . HOH E 3 . ? -7.241  5.074   -4.695  1.00 31.44 ? 37 HOH A O     1 
HETATM 372 O O     . HOH E 3 . ? -4.070  6.843   -1.535  1.00 25.55 ? 42 HOH A O     1 
HETATM 373 O O     . HOH E 3 . ? -3.721  2.612   -6.794  1.00 23.33 ? 43 HOH A O     1 
HETATM 374 O O     . HOH E 3 . ? -3.659  -13.692 -0.146  1.00 24.09 ? 44 HOH A O     1 
HETATM 375 O O     . HOH E 3 . ? -8.775  -12.463 -4.277  1.00 31.12 ? 47 HOH A O     1 
HETATM 376 O O     . HOH E 3 . ? -1.766  -1.327  -5.861  1.00 31.18 ? 48 HOH A O     1 
HETATM 377 O O     . HOH E 3 . ? -1.856  -11.384 3.410   1.00 25.59 ? 51 HOH A O     1 
HETATM 378 O O     . HOH E 3 . ? -6.835  -10.263 -4.469  1.00 29.45 ? 52 HOH A O     1 
HETATM 379 O O     . HOH E 3 . ? 3.529   12.590  0.732   1.00 28.53 ? 53 HOH A O     1 
HETATM 380 O O     . HOH E 3 . ? -3.192  3.024   7.477   1.00 30.51 ? 54 HOH A O     1 
HETATM 381 O O     . HOH E 3 . ? 0.622   4.305   5.581   1.00 29.67 ? 55 HOH A O     1 
HETATM 382 O O     . HOH E 3 . ? 1.522   10.471  -2.179  1.00 40.45 ? 58 HOH A O     1 
HETATM 383 O O     . HOH E 3 . ? 3.467   7.847   6.740   1.00 35.28 ? 59 HOH A O     1 
HETATM 384 O O     . HOH E 3 . ? -6.891  8.326   3.952   1.00 33.73 ? 60 HOH A O     1 
HETATM 385 O O     . HOH E 3 . ? -4.000  7.272   -4.169  1.00 38.24 ? 61 HOH A O     1 
HETATM 386 O O     . HOH E 3 . ? -8.723  6.567   -2.934  1.00 37.60 ? 63 HOH A O     1 
HETATM 387 O O     . HOH E 3 . ? 2.310   -9.325  -1.356  1.00 37.12 ? 66 HOH A O     1 
HETATM 388 O O     . HOH E 3 . ? -3.067  10.644  -2.963  1.00 40.52 ? 67 HOH A O     1 
HETATM 389 O O     . HOH E 3 . ? -2.723  8.945   -0.815  1.00 34.35 ? 68 HOH A O     1 
HETATM 390 O O     . HOH E 3 . ? -9.867  -8.355  -7.147  1.00 35.62 ? 69 HOH A O     1 
HETATM 391 O O     . HOH E 3 . ? -6.053  -3.213  -5.793  1.00 43.43 ? 72 HOH A O     1 
HETATM 392 O O     . HOH E 3 . ? -1.820  5.197   6.441   1.00 35.96 ? 73 HOH A O     1 
HETATM 393 O O     . HOH E 3 . ? -6.366  -10.160 -7.213  1.00 35.51 ? 74 HOH A O     1 
HETATM 394 O O     . HOH E 3 . ? -4.117  -12.030 -4.444  1.00 41.20 ? 76 HOH A O     1 
HETATM 395 O O     . HOH E 3 . ? -5.480  11.303  5.087   0.50 51.05 ? 77 HOH A O     1 
HETATM 396 O O     . HOH E 3 . ? -14.275 -3.136  -0.766  1.00 39.43 ? 78 HOH A O     1 
HETATM 397 O O     . HOH E 3 . ? -10.951 -2.701  -6.866  1.00 53.07 ? 79 HOH A O     1 
HETATM 398 O O     . HOH E 3 . ? -11.237 5.077   0.716   1.00 49.95 ? 80 HOH A O     1 
HETATM 399 O O     . HOH F 3 . ? 10.972  6.034   2.619   1.00 13.10 ? 15 HOH B O     1 
HETATM 400 O O     . HOH F 3 . ? 4.164   9.668   -7.543  1.00 17.08 ? 17 HOH B O     1 
HETATM 401 O O     . HOH F 3 . ? -1.708  6.121   -7.967  1.00 16.29 ? 23 HOH B O     1 
HETATM 402 O O     . HOH F 3 . ? 1.936   -8.258  1.516   1.00 27.34 ? 26 HOH B O     1 
HETATM 403 O O     . HOH F 3 . ? -10.305 -4.356  6.909   1.00 22.11 ? 27 HOH B O     1 
HETATM 404 O O     . HOH F 3 . ? 5.001   3.438   6.607   1.00 22.17 ? 28 HOH B O     1 
HETATM 405 O O     . HOH F 3 . ? -0.168  -0.306  5.443   1.00 20.67 ? 30 HOH B O     1 
HETATM 406 O O     . HOH F 3 . ? 1.493   -5.206  -3.008  1.00 21.43 ? 38 HOH B O     1 
HETATM 407 O O     . HOH F 3 . ? 12.537  -0.199  -2.119  1.00 24.77 ? 39 HOH B O     1 
HETATM 408 O O     . HOH F 3 . ? 5.011   12.360  -7.440  1.00 28.69 ? 40 HOH B O     1 
HETATM 409 O O     . HOH F 3 . ? 13.876  3.515   -0.247  1.00 30.41 ? 41 HOH B O     1 
HETATM 410 O O     . HOH F 3 . ? -2.088  -7.938  6.636   1.00 29.27 ? 45 HOH B O     1 
HETATM 411 O O     . HOH F 3 . ? 3.560   -2.099  -5.377  1.00 33.71 ? 46 HOH B O     1 
HETATM 412 O O     . HOH F 3 . ? 0.651   -10.509 2.629   1.00 27.43 ? 49 HOH B O     1 
HETATM 413 O O     . HOH F 3 . ? 0.737   1.674   6.846   1.00 29.25 ? 50 HOH B O     1 
HETATM 414 O O     . HOH F 3 . ? 0.191   9.161   -5.082  1.00 35.00 ? 56 HOH B O     1 
HETATM 415 O O     . HOH F 3 . ? 4.951   -2.173  -7.918  1.00 44.39 ? 57 HOH B O     1 
HETATM 416 O O     . HOH F 3 . ? -3.966  -7.793  11.071  1.00 30.54 ? 62 HOH B O     1 
HETATM 417 O O     . HOH F 3 . ? 1.384   -3.485  -5.291  1.00 35.04 ? 64 HOH B O     1 
HETATM 418 O O     . HOH F 3 . ? 3.579   -6.847  -3.075  1.00 38.53 ? 65 HOH B O     1 
HETATM 419 O O     . HOH F 3 . ? 10.373  -0.647  4.039   1.00 38.54 ? 70 HOH B O     1 
HETATM 420 O O     . HOH F 3 . ? 3.349   1.744   8.065   1.00 58.59 ? 71 HOH B O     1 
HETATM 421 O O     . HOH F 3 . ? -0.649  -8.203  9.335   1.00 46.51 ? 75 HOH B O     1 
# 
loop_
_atom_site_anisotrop.id 
_atom_site_anisotrop.type_symbol 
_atom_site_anisotrop.pdbx_label_atom_id 
_atom_site_anisotrop.pdbx_label_alt_id 
_atom_site_anisotrop.pdbx_label_comp_id 
_atom_site_anisotrop.pdbx_label_asym_id 
_atom_site_anisotrop.pdbx_label_seq_id 
_atom_site_anisotrop.pdbx_PDB_ins_code 
_atom_site_anisotrop.U[1][1] 
_atom_site_anisotrop.U[2][2] 
_atom_site_anisotrop.U[3][3] 
_atom_site_anisotrop.U[1][2] 
_atom_site_anisotrop.U[1][3] 
_atom_site_anisotrop.U[2][3] 
_atom_site_anisotrop.pdbx_auth_seq_id 
_atom_site_anisotrop.pdbx_auth_comp_id 
_atom_site_anisotrop.pdbx_auth_asym_id 
_atom_site_anisotrop.pdbx_auth_atom_id 
1   O "O5'" . DT  A 1 ? 0.1388 0.3259 0.3566 0.0095  0.0375  -0.0906 1  DT  A "O5'" 
2   C "C5'" . DT  A 1 ? 0.2337 0.2794 0.1730 0.0210  -0.0238 -0.0199 1  DT  A "C5'" 
3   C "C4'" . DT  A 1 ? 0.1208 0.2058 0.2059 -0.0044 -0.0228 0.0281  1  DT  A "C4'" 
4   O "O4'" . DT  A 1 ? 0.1604 0.1579 0.2062 0.0121  -0.0284 -0.0215 1  DT  A "O4'" 
5   C "C3'" . DT  A 1 ? 0.1460 0.0892 0.2330 -0.0041 -0.0032 0.0560  1  DT  A "C3'" 
6   O "O3'" . DT  A 1 ? 0.2289 0.1165 0.2794 0.0453  -0.0571 0.0444  1  DT  A "O3'" 
7   C "C2'" . DT  A 1 ? 0.2444 0.2049 0.2140 0.0371  -0.0568 -0.0281 1  DT  A "C2'" 
8   C "C1'" . DT  A 1 ? 0.2312 0.1622 0.0991 0.0262  -0.0287 0.0149  1  DT  A "C1'" 
9   N N1    . DT  A 1 ? 0.1720 0.1116 0.1124 0.0643  0.0097  0.0228  1  DT  A N1    
10  C C2    . DT  A 1 ? 0.1356 0.1400 0.0728 0.0682  0.0378  0.0241  1  DT  A C2    
11  O O2    . DT  A 1 ? 0.1997 0.1637 0.1332 0.0336  0.0175  -0.0232 1  DT  A O2    
12  N N3    . DT  A 1 ? 0.1264 0.2034 0.1883 0.0672  -0.0217 0.0358  1  DT  A N3    
13  C C4    . DT  A 1 ? 0.1805 0.2298 0.1495 0.0369  0.0445  0.0509  1  DT  A C4    
14  O O4    . DT  A 1 ? 0.1953 0.1391 0.1163 0.0704  -0.0140 -0.0018 1  DT  A O4    
15  C C5    . DT  A 1 ? 0.1399 0.1682 0.1251 0.0426  0.0381  -0.0026 1  DT  A C5    
16  C C7    . DT  A 1 ? 0.1819 0.1180 0.1133 0.0548  0.0251  -0.0431 1  DT  A C7    
17  C C6    . DT  A 1 ? 0.1044 0.2438 0.1683 0.0459  0.0235  0.0158  1  DT  A C6    
18  P P     . DG  A 2 ? 0.4039 0.1965 0.2720 0.1128  -0.1566 0.0553  2  DG  A P     
19  O OP1   . DG  A 2 ? 0.4049 0.3402 0.4480 0.0080  -0.3045 0.1030  2  DG  A OP1   
20  O OP2   . DG  A 2 ? 0.5254 0.2709 0.2662 0.1880  -0.0708 0.0333  2  DG  A OP2   
21  O "O5'" . DG  A 2 ? 0.2991 0.1825 0.2070 0.0545  -0.0226 0.0374  2  DG  A "O5'" 
22  C "C5'" . DG  A 2 ? 0.1857 0.1818 0.1795 0.0357  -0.0668 0.0232  2  DG  A "C5'" 
23  C "C4'" . DG  A 2 ? 0.2401 0.2414 0.1478 0.0925  0.0340  0.0509  2  DG  A "C4'" 
24  O "O4'" . DG  A 2 ? 0.1369 0.1920 0.2048 0.0516  -0.0310 0.0505  2  DG  A "O4'" 
25  C "C3'" . DG  A 2 ? 0.3777 0.1812 0.1507 0.0222  -0.0500 0.0046  2  DG  A "C3'" 
26  O "O3'" . DG  A 2 ? 0.6213 0.1576 0.2545 0.0607  0.0306  0.0755  2  DG  A "O3'" 
27  C "C2'" . DG  A 2 ? 0.2722 0.2024 0.3509 0.0824  -0.1086 0.0628  2  DG  A "C2'" 
28  C "C1'" . DG  A 2 ? 0.2853 0.2203 0.1235 0.0180  -0.0611 0.0167  2  DG  A "C1'" 
29  N N9    . DG  A 2 ? 0.1922 0.2291 0.2126 0.0146  0.0488  0.0304  2  DG  A N9    
30  C C8    . DG  A 2 ? 0.1895 0.1872 0.1018 0.0622  0.0421  0.0759  2  DG  A C8    
31  N N7    . DG  A 2 ? 0.1397 0.2811 0.1247 0.0031  0.0023  0.0842  2  DG  A N7    
32  C C5    . DG  A 2 ? 0.1968 0.1763 0.0807 0.0508  0.0379  0.0361  2  DG  A C5    
33  C C6    . DG  A 2 ? 0.1364 0.1144 0.2012 0.0024  -0.0259 0.0428  2  DG  A C6    
34  O O6    . DG  A 2 ? 0.1146 0.1566 0.1460 0.0246  -0.0237 0.0586  2  DG  A O6    
35  N N1    . DG  A 2 ? 0.1479 0.1733 0.1993 0.0449  0.0309  0.0151  2  DG  A N1    
36  C C2    . DG  A 2 ? 0.1826 0.1428 0.0554 0.0670  -0.0334 0.0238  2  DG  A C2    
37  N N2    . DG  A 2 ? 0.1575 0.1921 0.1378 0.0650  0.0140  0.0375  2  DG  A N2    
38  N N3    . DG  A 2 ? 0.1480 0.1851 0.1163 0.0791  -0.0197 0.0401  2  DG  A N3    
39  C C4    . DG  A 2 ? 0.1651 0.2193 0.1320 0.1220  0.0401  -0.0011 2  DG  A C4    
40  P P     . DA  A 3 ? 0.3554 0.2054 0.2933 0.0993  -0.0694 0.0477  3  DA  A P     
41  O OP1   . DA  A 3 ? 0.3545 0.6734 0.4577 0.1692  -0.2274 -0.0971 3  DA  A OP1   
42  O OP2   . DA  A 3 ? 0.6408 0.2605 0.3161 0.1437  -0.0381 0.0922  3  DA  A OP2   
43  O "O5'" . DA  A 3 ? 0.1759 0.2030 0.2907 -0.0442 -0.0262 0.1038  3  DA  A "O5'" 
44  C "C5'" . DA  A 3 ? 0.1553 0.1548 0.2882 -0.0061 -0.0138 0.0872  3  DA  A "C5'" 
45  C "C4'" . DA  A 3 ? 0.0984 0.1799 0.2259 0.0006  -0.0035 0.0159  3  DA  A "C4'" 
46  O "O4'" . DA  A 3 ? 0.1636 0.1697 0.2158 -0.0099 -0.0148 0.0108  3  DA  A "O4'" 
47  C "C3'" . DA  A 3 ? 0.1697 0.2166 0.2471 0.0262  0.0256  0.0213  3  DA  A "C3'" 
48  O "O3'" . DA  A 3 ? 0.2217 0.1949 0.2940 -0.0074 0.0680  -0.0713 3  DA  A "O3'" 
49  C "C2'" . DA  A 3 ? 0.1171 0.1674 0.2376 -0.0552 -0.0356 0.0450  3  DA  A "C2'" 
50  C "C1'" . DA  A 3 ? 0.0225 0.1798 0.3422 0.0104  0.0032  -0.0308 3  DA  A "C1'" 
51  N N9    . DA  A 3 ? 0.0946 0.1545 0.1706 -0.0061 -0.0176 0.0836  3  DA  A N9    
52  C C8    . DA  A 3 ? 0.1502 0.1923 0.1919 0.0146  -0.0216 0.0537  3  DA  A C8    
53  N N7    . DA  A 3 ? 0.2065 0.1247 0.1628 0.0323  -0.0208 0.0392  3  DA  A N7    
54  C C5    . DA  A 3 ? 0.1846 0.1374 0.0891 0.0120  0.0237  0.0248  3  DA  A C5    
55  C C6    . DA  A 3 ? 0.1057 0.1255 0.1680 0.0365  0.0330  0.0427  3  DA  A C6    
56  N N6    . DA  A 3 ? 0.2009 0.1388 0.1362 0.0163  -0.0359 0.0224  3  DA  A N6    
57  N N1    . DA  A 3 ? 0.1318 0.1503 0.1503 0.0141  -0.0018 0.0491  3  DA  A N1    
58  C C2    . DA  A 3 ? 0.0930 0.1401 0.1508 0.0723  0.0366  0.0640  3  DA  A C2    
59  N N3    . DA  A 3 ? 0.1517 0.1747 0.1445 0.0112  -0.0277 0.0367  3  DA  A N3    
60  C C4    . DA  A 3 ? 0.1165 0.1841 0.1454 -0.0195 -0.0367 0.0222  3  DA  A C4    
61  P P     . DT  A 4 ? 0.2322 0.1869 0.3481 -0.0583 0.0340  -0.0246 4  DT  A P     
62  O OP1   . DT  A 4 ? 0.2268 0.2180 0.4185 -0.1108 0.0790  -0.0775 4  DT  A OP1   
63  O OP2   . DT  A 4 ? 0.2128 0.1382 0.4035 0.0271  -0.0741 -0.0475 4  DT  A OP2   
64  O "O5'" . DT  A 4 ? 0.0672 0.2200 0.4471 -0.0321 -0.0369 -0.0449 4  DT  A "O5'" 
65  C "C5'" . DT  A 4 ? 0.1800 0.1919 0.3243 -0.0052 -0.0252 -0.0240 4  DT  A "C5'" 
66  C "C4'" . DT  A 4 ? 0.2182 0.1547 0.2070 0.0131  0.0761  -0.0651 4  DT  A "C4'" 
67  O "O4'" . DT  A 4 ? 0.1412 0.1561 0.2290 -0.0046 0.0318  0.0694  4  DT  A "O4'" 
68  C "C3'" . DT  A 4 ? 0.1150 0.2312 0.2229 -0.0046 -0.0002 0.0549  4  DT  A "C3'" 
69  O "O3'" . DT  A 4 ? 0.1132 0.3296 0.3549 -0.0026 0.1027  -0.0773 4  DT  A "O3'" 
70  C "C2'" . DT  A 4 ? 0.1654 0.1788 0.1721 -0.0418 -0.0007 -0.0184 4  DT  A "C2'" 
71  C "C1'" . DT  A 4 ? 0.0939 0.1613 0.2698 0.0033  0.0329  -0.0058 4  DT  A "C1'" 
72  N N1    . DT  A 4 ? 0.1229 0.0924 0.1188 -0.0228 0.0138  0.0038  4  DT  A N1    
73  C C2    . DT  A 4 ? 0.1344 0.1031 0.1614 -0.0334 0.0235  0.0251  4  DT  A C2    
74  O O2    . DT  A 4 ? 0.1181 0.1941 0.1832 0.0109  0.0137  -0.0007 4  DT  A O2    
75  N N3    . DT  A 4 ? 0.1363 0.1618 0.1476 0.0355  0.0253  0.0059  4  DT  A N3    
76  C C4    . DT  A 4 ? 0.0846 0.1153 0.1409 -0.0304 0.0313  0.0110  4  DT  A C4    
77  O O4    . DT  A 4 ? 0.1302 0.1437 0.1282 0.0229  0.0099  0.0009  4  DT  A O4    
78  C C5    . DT  A 4 ? 0.1157 0.1291 0.1050 -0.0101 0.0324  0.0371  4  DT  A C5    
79  C C7    . DT  A 4 ? 0.2022 0.1051 0.2144 -0.0688 0.0777  0.0302  4  DT  A C7    
80  C C6    . DT  A 4 ? 0.1425 0.1197 0.1373 0.0361  0.0341  0.0475  4  DT  A C6    
81  P P     . DC  A 5 ? 0.1286 0.2640 0.5206 0.0486  0.0415  -0.0781 5  DC  A P     
82  O OP1   . DC  A 5 ? 0.2603 0.4808 0.5004 0.0174  0.2083  -0.1012 5  DC  A OP1   
83  O OP2   . DC  A 5 ? 0.1870 0.2101 0.7122 -0.0304 -0.0526 -0.0636 5  DC  A OP2   
84  O "O5'" . DC  A 5 ? 0.0453 0.2717 0.4229 0.0122  0.0321  -0.0426 5  DC  A "O5'" 
85  C "C5'" . DC  A 5 ? 0.1678 0.2015 0.1704 0.0399  0.0841  -0.0988 5  DC  A "C5'" 
86  C "C4'" . DC  A 5 ? 0.1612 0.1795 0.1898 0.0048  0.0128  -0.0711 5  DC  A "C4'" 
87  O "O4'" . DC  A 5 ? 0.1310 0.2281 0.1506 -0.0059 0.0190  0.0556  5  DC  A "O4'" 
88  C "C3'" . DC  A 5 ? 0.0273 0.1733 0.2599 0.0295  -0.0324 0.0469  5  DC  A "C3'" 
89  O "O3'" . DC  A 5 ? 0.1478 0.1818 0.1568 0.0222  -0.0090 -0.0469 5  DC  A "O3'" 
90  C "C2'" . DC  A 5 ? 0.0923 0.2828 0.1090 0.0020  -0.0437 0.0216  5  DC  A "C2'" 
91  C "C1'" . DC  A 5 ? 0.1386 0.0538 0.3514 0.0008  -0.0487 -0.0245 5  DC  A "C1'" 
92  N N1    . DC  A 5 ? 0.1268 0.1204 0.1074 0.0069  0.0111  -0.0036 5  DC  A N1    
93  C C2    . DC  A 5 ? 0.0347 0.1263 0.1716 0.0427  0.0065  0.0438  5  DC  A C2    
94  O O2    . DC  A 5 ? 0.1241 0.1429 0.1390 0.0044  -0.0087 0.0172  5  DC  A O2    
95  N N3    . DC  A 5 ? 0.0803 0.1380 0.1878 0.0122  -0.0380 0.0468  5  DC  A N3    
96  C C4    . DC  A 5 ? 0.0793 0.0901 0.1225 0.0504  -0.0370 0.0673  5  DC  A C4    
97  N N4    . DC  A 5 ? 0.0882 0.1121 0.1374 0.0287  -0.0293 0.0413  5  DC  A N4    
98  C C5    . DC  A 5 ? 0.1554 0.0872 0.1853 0.0129  -0.0470 -0.0136 5  DC  A C5    
99  C C6    . DC  A 5 ? 0.1184 0.0829 0.2089 -0.0404 0.0575  0.0437  5  DC  A C6    
100 P P     . DA  A 6 ? 0.1683 0.1740 0.1762 0.0005  -0.0054 -0.0486 6  DA  A P     
101 O OP1   . DA  A 6 ? 0.2063 0.4526 0.1741 -0.0444 0.0579  -0.1048 6  DA  A OP1   
102 O OP2   . DA  A 6 ? 0.2743 0.1733 0.4000 -0.0313 0.0081  -0.0618 6  DA  A OP2   
103 O "O5'" . DA  A 6 ? 0.1166 0.2135 0.1338 -0.0279 0.0046  -0.0671 6  DA  A "O5'" 
104 C "C5'" . DA  A 6 ? 0.1919 0.1972 0.1286 -0.0230 -0.0303 -0.0279 6  DA  A "C5'" 
105 C "C4'" . DA  A 6 ? 0.1502 0.1793 0.0946 -0.0230 -0.0007 -0.0227 6  DA  A "C4'" 
106 O "O4'" . DA  A 6 ? 0.1480 0.1613 0.0971 0.0175  -0.0001 0.0197  6  DA  A "O4'" 
107 C "C3'" . DA  A 6 ? 0.1279 0.1628 0.1928 -0.0462 -0.0229 -0.0331 6  DA  A "C3'" 
108 O "O3'" . DA  A 6 ? 0.2526 0.1841 0.1669 -0.0032 -0.0154 -0.0406 6  DA  A "O3'" 
109 C "C2'" . DA  A 6 ? 0.1248 0.2089 0.0859 0.0050  -0.0297 -0.0564 6  DA  A "C2'" 
110 C "C1'" . DA  A 6 ? 0.1448 0.1655 0.0718 0.0479  0.0308  0.0099  6  DA  A "C1'" 
111 N N9    . DA  A 6 ? 0.1199 0.1371 0.0762 0.0092  -0.0257 0.0067  6  DA  A N9    
112 C C8    . DA  A 6 ? 0.1106 0.1512 0.1102 0.0322  0.0197  0.0028  6  DA  A C8    
113 N N7    . DA  A 6 ? 0.0948 0.1343 0.1105 0.0043  0.0094  0.0113  6  DA  A N7    
114 C C5    . DA  A 6 ? 0.0815 0.0948 0.1803 0.0347  0.0530  0.0155  6  DA  A C5    
115 C C6    . DA  A 6 ? 0.1283 0.0835 0.0532 -0.0077 0.0059  -0.0057 6  DA  A C6    
116 N N6    . DA  A 6 ? 0.1799 0.1267 0.1210 0.0419  0.0042  0.0507  6  DA  A N6    
117 N N1    . DA  A 6 ? 0.1471 0.0500 0.1271 0.0205  -0.0128 0.0026  6  DA  A N1    
118 C C2    . DA  A 6 ? 0.0742 0.1403 0.1579 -0.0159 0.0093  0.0571  6  DA  A C2    
119 N N3    . DA  A 6 ? 0.1075 0.1338 0.0872 0.0213  -0.0320 0.0299  6  DA  A N3    
120 C C4    . DA  A 6 ? 0.0809 0.0850 0.1341 -0.0063 -0.0502 0.0004  6  DA  A C4    
121 O "O5'" . DT  B 1 ? 0.1855 0.6939 0.6083 0.0010  -0.0032 -0.0627 7  DT  B "O5'" 
122 C "C5'" . DT  B 1 ? 0.3645 0.3587 0.3516 0.0445  -0.0079 -0.0998 7  DT  B "C5'" 
123 C "C4'" . DT  B 1 ? 0.3842 0.3116 0.3744 -0.0579 -0.0302 0.0293  7  DT  B "C4'" 
124 O "O4'" . DT  B 1 ? 0.5354 0.3280 0.1866 -0.1036 -0.0241 -0.0574 7  DT  B "O4'" 
125 C "C3'" . DT  B 1 ? 0.3882 0.2958 0.3942 -0.1012 -0.0457 0.0315  7  DT  B "C3'" 
126 O "O3'" . DT  B 1 ? 0.4829 0.3081 0.3865 0.0279  -0.0016 -0.0129 7  DT  B "O3'" 
127 C "C2'" . DT  B 1 ? 0.2385 0.3319 0.3974 -0.1018 0.0173  -0.2061 7  DT  B "C2'" 
128 C "C1'" . DT  B 1 ? 0.3614 0.3431 0.2502 0.0736  0.0570  -0.0635 7  DT  B "C1'" 
129 N N1    . DT  B 1 ? 0.1467 0.1544 0.1148 0.0313  0.0169  -0.0046 7  DT  B N1    
130 C C2    . DT  B 1 ? 0.1022 0.1487 0.1485 -0.0332 -0.0474 0.1025  7  DT  B C2    
131 O O2    . DT  B 1 ? 0.1601 0.1365 0.1582 0.0135  0.0120  0.0394  7  DT  B O2    
132 N N3    . DT  B 1 ? 0.0706 0.1503 0.1563 0.0382  -0.0272 0.0302  7  DT  B N3    
133 C C4    . DT  B 1 ? 0.0891 0.1208 0.1103 0.0528  0.0297  -0.0447 7  DT  B C4    
134 O O4    . DT  B 1 ? 0.1576 0.1099 0.1252 0.0416  -0.0057 0.0212  7  DT  B O4    
135 C C5    . DT  B 1 ? 0.0830 0.1276 0.1454 0.0191  0.0024  -0.0081 7  DT  B C5    
136 C C7    . DT  B 1 ? 0.1800 0.2194 0.1512 0.0764  -0.0351 0.0229  7  DT  B C7    
137 C C6    . DT  B 1 ? 0.0961 0.2287 0.1661 0.0453  0.0222  -0.0140 7  DT  B C6    
138 P P     . DG  B 2 ? 0.4371 0.3892 0.2447 -0.0806 0.0517  -0.0644 8  DG  B P     
139 O OP1   . DG  B 2 ? 0.4518 0.4418 0.4118 -0.1946 0.0910  -0.0946 8  DG  B OP1   
140 O OP2   . DG  B 2 ? 0.7436 0.3815 0.2524 0.1388  -0.0812 -0.0427 8  DG  B OP2   
141 O "O5'" . DG  B 2 ? 0.2964 0.3129 0.3652 0.0118  -0.1074 -0.0790 8  DG  B "O5'" 
142 C "C5'" . DG  B 2 ? 0.1877 0.3204 0.2305 0.0039  -0.0682 -0.0556 8  DG  B "C5'" 
143 C "C4'" . DG  B 2 ? 0.1951 0.1627 0.2571 -0.1050 -0.0330 -0.0898 8  DG  B "C4'" 
144 O "O4'" . DG  B 2 ? 0.1489 0.1713 0.2967 0.0205  -0.0466 0.0211  8  DG  B "O4'" 
145 C "C3'" . DG  B 2 ? 0.3227 0.1603 0.1997 0.1010  0.0341  -0.0453 8  DG  B "C3'" 
146 O "O3'" . DG  B 2 ? 0.4881 0.1669 0.2777 -0.0252 -0.0532 -0.0313 8  DG  B "O3'" 
147 C "C2'" . DG  B 2 ? 0.1273 0.2431 0.2905 -0.0070 -0.0326 -0.1197 8  DG  B "C2'" 
148 C "C1'" . DG  B 2 ? 0.1827 0.1436 0.1667 0.0739  -0.0258 -0.0323 8  DG  B "C1'" 
149 N N9    . DG  B 2 ? 0.0627 0.1637 0.1320 -0.0252 -0.0339 0.0174  8  DG  B N9    
150 C C8    . DG  B 2 ? 0.1945 0.1566 0.1390 0.0784  -0.0077 0.0101  8  DG  B C8    
151 N N7    . DG  B 2 ? 0.1351 0.1431 0.1883 0.0020  -0.0194 -0.0282 8  DG  B N7    
152 C C5    . DG  B 2 ? 0.1402 0.0861 0.1335 0.0208  -0.0333 -0.0384 8  DG  B C5    
153 C C6    . DG  B 2 ? 0.1614 0.1084 0.0581 0.0255  -0.0192 -0.0107 8  DG  B C6    
154 O O6    . DG  B 2 ? 0.0975 0.1585 0.1151 0.0140  -0.0400 0.0295  8  DG  B O6    
155 N N1    . DG  B 2 ? 0.0646 0.1460 0.1016 0.0540  0.0001  0.0336  8  DG  B N1    
156 C C2    . DG  B 2 ? 0.0850 0.0968 0.0896 0.0404  -0.0424 0.0284  8  DG  B C2    
157 N N2    . DG  B 2 ? 0.1156 0.1294 0.1068 -0.0252 -0.0306 0.0328  8  DG  B N2    
158 N N3    . DG  B 2 ? 0.1509 0.0957 0.1615 0.0216  -0.0099 0.0180  8  DG  B N3    
159 C C4    . DG  B 2 ? 0.0572 0.1747 0.1648 -0.0006 0.0276  0.0211  8  DG  B C4    
160 P P     . DA  B 3 ? 0.2343 0.2240 0.3705 0.0048  -0.1089 0.0254  9  DA  B P     
161 O OP1   . DA  B 3 ? 0.3294 0.3537 0.4524 -0.0080 0.0943  -0.0344 9  DA  B OP1   
162 O OP2   . DA  B 3 ? 0.3889 0.3321 0.6361 0.1083  -0.1163 -0.0377 9  DA  B OP2   
163 O "O5'" . DA  B 3 ? 0.2955 0.3401 0.4884 -0.1617 -0.1222 -0.0068 9  DA  B "O5'" 
164 C "C5'" . DA  B 3 ? 0.3298 0.2418 0.3971 -0.0053 -0.0371 0.1075  9  DA  B "C5'" 
165 C "C4'" . DA  B 3 ? 0.1405 0.2101 0.2025 0.0307  -0.0302 0.0100  9  DA  B "C4'" 
166 O "O4'" . DA  B 3 ? 0.1299 0.1564 0.4069 -0.0314 -0.0050 0.1021  9  DA  B "O4'" 
167 C "C3'" . DA  B 3 ? 0.2693 0.2941 0.1917 -0.0760 0.0213  0.0126  9  DA  B "C3'" 
168 O "O3'" . DA  B 3 ? 0.2143 0.3768 0.4039 -0.0119 0.0126  0.1562  9  DA  B "O3'" 
169 C "C2'" . DA  B 3 ? 0.1953 0.1756 0.2532 -0.0404 -0.0297 0.0588  9  DA  B "C2'" 
170 C "C1'" . DA  B 3 ? 0.1545 0.1573 0.3309 0.0314  0.0180  0.0644  9  DA  B "C1'" 
171 N N9    . DA  B 3 ? 0.1893 0.1230 0.1788 -0.0459 -0.0368 0.0396  9  DA  B N9    
172 C C8    . DA  B 3 ? 0.1115 0.1893 0.2081 0.0171  0.0420  0.0162  9  DA  B C8    
173 N N7    . DA  B 3 ? 0.1472 0.1607 0.3140 0.0391  0.0208  0.0102  9  DA  B N7    
174 C C5    . DA  B 3 ? 0.1461 0.1614 0.1416 -0.0561 0.0125  0.0504  9  DA  B C5    
175 C C6    . DA  B 3 ? 0.1556 0.1625 0.1810 0.0274  -0.0052 0.0602  9  DA  B C6    
176 N N6    . DA  B 3 ? 0.1235 0.1320 0.3421 -0.0106 0.0871  0.1415  9  DA  B N6    
177 N N1    . DA  B 3 ? 0.1229 0.1621 0.1507 0.0057  0.0449  0.0453  9  DA  B N1    
178 C C2    . DA  B 3 ? 0.1439 0.0835 0.1751 0.0133  0.0047  0.0242  9  DA  B C2    
179 N N3    . DA  B 3 ? 0.1004 0.1281 0.2170 -0.0077 -0.0093 0.0128  9  DA  B N3    
180 C C4    . DA  B 3 ? 0.1364 0.0662 0.1730 0.0133  -0.0136 0.0507  9  DA  B C4    
181 P P     . DT  B 4 ? 0.5641 0.4270 0.3506 -0.0428 -0.0619 0.1560  10 DT  B P     
182 O OP1   . DT  B 4 ? 0.9355 0.5727 0.5061 -0.2688 -0.0551 0.2047  10 DT  B OP1   
183 O OP2   . DT  B 4 ? 1.0265 0.4659 0.8028 -0.1786 -0.0877 0.3781  10 DT  B OP2   
184 O "O5'" . DT  B 4 ? 0.2678 0.3229 0.5142 -0.1008 0.0899  0.0677  10 DT  B "O5'" 
185 C "C5'" . DT  B 4 ? 0.3911 0.4511 0.1294 0.0612  -0.0574 0.0377  10 DT  B "C5'" 
186 C "C4'" . DT  B 4 ? 0.2870 0.3243 0.2659 0.0343  -0.0669 0.1274  10 DT  B "C4'" 
187 O "O4'" . DT  B 4 ? 0.2197 0.2318 0.3117 0.0696  -0.0330 0.1661  10 DT  B "O4'" 
188 C "C3'" . DT  B 4 ? 0.2574 0.2397 0.2784 0.0258  -0.0734 0.1320  10 DT  B "C3'" 
189 O "O3'" . DT  B 4 ? 0.1666 0.3744 0.4039 0.0208  -0.0828 0.0277  10 DT  B "O3'" 
190 C "C2'" . DT  B 4 ? 0.2249 0.3730 0.2124 0.0844  -0.0443 0.1567  10 DT  B "C2'" 
191 C "C1'" . DT  B 4 ? 0.1484 0.1900 0.2386 0.0586  -0.0609 0.1077  10 DT  B "C1'" 
192 N N1    . DT  B 4 ? 0.1415 0.2341 0.2267 0.0122  -0.0204 0.0824  10 DT  B N1    
193 C C2    . DT  B 4 ? 0.0970 0.2314 0.1933 0.0174  -0.0045 0.0150  10 DT  B C2    
194 O O2    . DT  B 4 ? 0.2212 0.1390 0.1541 0.0278  -0.0349 0.0469  10 DT  B O2    
195 N N3    . DT  B 4 ? 0.1782 0.1379 0.2302 0.0277  -0.0351 0.1284  10 DT  B N3    
196 C C4    . DT  B 4 ? 0.1100 0.1741 0.2398 0.0575  -0.0167 -0.0567 10 DT  B C4    
197 O O4    . DT  B 4 ? 0.1102 0.1439 0.2076 0.0486  -0.0028 0.0614  10 DT  B O4    
198 C C5    . DT  B 4 ? 0.1034 0.1573 0.2689 -0.0300 0.0203  0.0304  10 DT  B C5    
199 C C7    . DT  B 4 ? 0.2985 0.2602 0.2457 -0.2139 0.0512  0.0507  10 DT  B C7    
200 C C6    . DT  B 4 ? 0.2047 0.2448 0.2344 0.0677  -0.0053 0.1197  10 DT  B C6    
201 P P     . DC  B 5 ? 0.4761 0.4599 0.3852 -0.0335 0.0350  0.1665  11 DC  B P     
202 O OP1   . DC  B 5 ? 0.2618 0.8051 0.6082 -0.0950 0.1022  0.0748  11 DC  B OP1   
203 O OP2   . DC  B 5 ? 0.4952 0.5928 0.6553 -0.3897 0.0154  0.2977  11 DC  B OP2   
204 O "O5'" . DC  B 5 ? 0.2224 0.6014 0.3331 -0.0080 0.0047  0.0310  11 DC  B "O5'" 
205 C "C5'" . DC  B 5 ? 0.2770 0.4439 0.1870 0.0647  -0.0059 -0.0607 11 DC  B "C5'" 
206 C "C4'" . DC  B 5 ? 0.3941 0.4037 0.1945 0.1720  -0.0401 0.0141  11 DC  B "C4'" 
207 O "O4'" . DC  B 5 ? 0.3142 0.2257 0.2212 0.1397  -0.0317 0.0987  11 DC  B "O4'" 
208 C "C3'" . DC  B 5 ? 0.3296 0.3086 0.2567 0.0205  -0.0116 0.0142  11 DC  B "C3'" 
209 O "O3'" . DC  B 5 ? 0.3998 0.4060 0.1282 0.0568  -0.0276 0.1003  11 DC  B "O3'" 
210 C "C2'" . DC  B 5 ? 0.3120 0.3729 0.4061 0.1197  0.0157  0.0948  11 DC  B "C2'" 
211 C "C1'" . DC  B 5 ? 0.3070 0.2681 0.1742 0.0637  -0.0320 0.1876  11 DC  B "C1'" 
212 N N1    . DC  B 5 ? 0.1948 0.1710 0.1625 0.0507  0.0304  0.0508  11 DC  B N1    
213 C C2    . DC  B 5 ? 0.1403 0.1212 0.2557 0.0454  -0.0097 0.0242  11 DC  B C2    
214 O O2    . DC  B 5 ? 0.1918 0.1688 0.1404 0.0629  -0.0008 0.0354  11 DC  B O2    
215 N N3    . DC  B 5 ? 0.2007 0.2126 0.2024 0.0892  -0.0160 0.0319  11 DC  B N3    
216 C C4    . DC  B 5 ? 0.1537 0.2394 0.1417 0.0311  0.0533  0.1196  11 DC  B C4    
217 N N4    . DC  B 5 ? 0.2261 0.2189 0.1244 0.0454  0.0261  0.1190  11 DC  B N4    
218 C C5    . DC  B 5 ? 0.2586 0.1492 0.2442 0.0413  -0.0086 0.0014  11 DC  B C5    
219 C C6    . DC  B 5 ? 0.2526 0.1643 0.2844 0.0801  -0.0635 0.0821  11 DC  B C6    
220 P P     . DA  B 6 ? 0.4582 0.2660 0.1769 0.1036  -0.0185 0.0022  12 DA  B P     
221 O OP1   . DA  B 6 ? 0.5920 0.4631 0.3395 0.1258  -0.1012 -0.1619 12 DA  B OP1   
222 O OP2   . DA  B 6 ? 0.5919 0.4936 0.5698 0.0776  0.0817  -0.2595 12 DA  B OP2   
223 O "O5'" . DA  B 6 ? 0.3973 0.3289 0.1423 0.1320  -0.0144 0.0893  12 DA  B "O5'" 
224 C "C5'" . DA  B 6 ? 0.5524 0.1911 0.1460 0.0445  0.0459  -0.0550 12 DA  B "C5'" 
225 C "C4'" . DA  B 6 ? 0.2790 0.3793 0.3777 0.1216  -0.0097 -0.0033 12 DA  B "C4'" 
226 O "O4'" . DA  B 6 ? 0.2819 0.2408 0.1499 0.0929  0.0426  -0.0018 12 DA  B "O4'" 
227 C "C3'" . DA  B 6 ? 0.3721 0.4882 0.3267 -0.0371 -0.0402 -0.1051 12 DA  B "C3'" 
228 O "O3'" . DA  B 6 ? 0.4783 0.3912 0.2124 0.2320  0.1307  -0.0229 12 DA  B "O3'" 
229 C "C2'" . DA  B 6 ? 0.3607 0.3542 0.1636 0.1548  0.0925  0.0352  12 DA  B "C2'" 
230 C "C1'" . DA  B 6 ? 0.2018 0.2201 0.2347 0.1456  -0.0251 -0.0439 12 DA  B "C1'" 
231 N N9    . DA  B 6 ? 0.2653 0.1289 0.1035 0.1109  -0.0308 -0.0337 12 DA  B N9    
232 C C8    . DA  B 6 ? 0.2938 0.1836 0.1228 0.0563  -0.0498 0.0431  12 DA  B C8    
233 N N7    . DA  B 6 ? 0.3797 0.1705 0.1463 0.0815  0.0464  0.0573  12 DA  B N7    
234 C C5    . DA  B 6 ? 0.3367 0.2012 0.1238 0.0291  0.0128  0.0884  12 DA  B C5    
235 C C6    . DA  B 6 ? 0.1405 0.1258 0.2756 -0.0449 0.0339  0.0488  12 DA  B C6    
236 N N6    . DA  B 6 ? 0.1908 0.1806 0.1224 0.0590  -0.0317 0.0457  12 DA  B N6    
237 N N1    . DA  B 6 ? 0.1714 0.1268 0.1591 0.0598  0.0131  0.0529  12 DA  B N1    
238 C C2    . DA  B 6 ? 0.2046 0.1676 0.1350 0.1084  0.0476  0.0685  12 DA  B C2    
239 N N3    . DA  B 6 ? 0.2778 0.2408 0.0964 0.1782  0.0152  0.0336  12 DA  B N3    
240 C C4    . DA  B 6 ? 0.1628 0.1997 0.1291 0.1221  0.0106  0.0099  12 DA  B C4    
241 C C1    . NGM C . ? 0.1302 0.1508 0.1962 -0.0276 0.0151  0.0315  14 NGM A C1    
242 C C2    . NGM C . ? 0.1293 0.2024 0.1520 0.0322  0.0398  -0.0325 14 NGM A C2    
243 C C3    . NGM C . ? 0.1592 0.1237 0.2146 0.0574  -0.0329 0.0560  14 NGM A C3    
244 C C4    . NGM C . ? 0.1893 0.1307 0.1040 0.0314  0.0013  0.0376  14 NGM A C4    
245 C C5    . NGM C . ? 0.1121 0.1639 0.1595 0.0745  -0.0207 0.0809  14 NGM A C5    
246 C C6    . NGM C . ? 0.1395 0.2377 0.0515 0.0284  -0.0003 0.0351  14 NGM A C6    
247 C C7    . NGM C . ? 0.1824 0.1526 0.1638 0.0829  0.0403  0.0280  14 NGM A C7    
248 C C8    . NGM C . ? 0.1576 0.2177 0.2775 0.0190  0.0033  -0.0056 14 NGM A C8    
249 C C9    . NGM C . ? 0.2068 0.1871 0.1956 0.0319  0.0572  0.0117  14 NGM A C9    
250 C C10   . NGM C . ? 0.1947 0.1627 0.1379 0.0134  0.0328  0.0264  14 NGM A C10   
251 C C11   . NGM C . ? 0.1215 0.1977 0.1206 0.0677  0.0262  0.0604  14 NGM A C11   
252 C C12   . NGM C . ? 0.1194 0.1188 0.1295 -0.0124 0.0101  0.0550  14 NGM A C12   
253 C C13   . NGM C . ? 0.2640 0.2056 0.1845 0.0530  -0.0440 -0.0055 14 NGM A C13   
254 C C14   . NGM C . ? 0.2385 0.1571 0.1076 -0.0147 0.0332  0.0481  14 NGM A C14   
255 C C15   A NGM C . ? 0.7250 0.1953 0.1869 -0.1499 0.1173  0.0957  14 NGM A C15   
256 C C15   B NGM C . ? 0.1185 0.1330 0.1420 -0.0567 -0.0424 -0.0084 14 NGM A C15   
257 C C16   . NGM C . ? 0.1296 0.0855 0.1794 -0.0150 -0.0031 0.0464  14 NGM A C16   
258 C C17   . NGM C . ? 0.1490 0.0964 0.1175 0.0158  -0.0113 0.0136  14 NGM A C17   
259 C C18   . NGM C . ? 0.1346 0.1553 0.1007 0.0451  -0.0083 0.0595  14 NGM A C18   
260 C C19   . NGM C . ? 0.1855 0.1788 0.1095 0.0101  -0.0019 -0.0353 14 NGM A C19   
261 C C20   . NGM C . ? 0.2029 0.1543 0.1494 0.0429  0.0003  0.0890  14 NGM A C20   
262 C C21   . NGM C . ? 0.1393 0.1472 0.1092 0.0174  -0.0006 0.0468  14 NGM A C21   
263 C C22   . NGM C . ? 0.2522 0.2523 0.2273 0.0451  0.0336  -0.0096 14 NGM A C22   
264 C C23   . NGM C . ? 0.4146 0.4315 0.1601 0.1926  0.1365  -0.0065 14 NGM A C23   
265 C C24   . NGM C . ? 0.2356 0.1880 0.1661 0.0182  0.0861  0.0353  14 NGM A C24   
266 C C25   . NGM C . ? 0.2753 0.4756 0.1710 -0.0398 0.1577  0.0576  14 NGM A C25   
267 C C26   . NGM C . ? 0.4183 0.4166 0.3496 0.1972  0.1389  -0.2661 14 NGM A C26   
268 C C27   . NGM C . ? 0.1639 0.3368 0.2408 -0.0489 0.0703  0.0529  14 NGM A C27   
269 C C28   . NGM C . ? 0.2685 0.1429 0.1989 0.1009  0.0771  0.0218  14 NGM A C28   
270 C C29   . NGM C . ? 0.3883 0.3221 0.2018 0.1081  0.1202  -0.0369 14 NGM A C29   
271 C C30   . NGM C . ? 0.2298 0.1911 0.2585 0.0863  -0.0498 -0.0089 14 NGM A C30   
272 C C31   . NGM C . ? 0.2084 0.1294 0.2269 0.0458  0.0272  0.0303  14 NGM A C31   
273 C C32   . NGM C . ? 0.1891 0.2587 0.1605 0.0915  0.0462  0.0542  14 NGM A C32   
274 C C33   . NGM C . ? 0.2364 0.1976 0.1536 0.0709  0.0168  -0.0156 14 NGM A C33   
275 C C34   . NGM C . ? 0.2456 0.2084 0.2007 -0.0240 -0.0396 0.0674  14 NGM A C34   
276 C "C1'" . NGM C . ? 0.2312 0.2041 0.2122 0.1078  -0.0131 -0.0302 14 NGM A "C1'" 
277 C "C2'" . NGM C . ? 0.1441 0.1907 0.1867 0.0831  -0.0248 -0.0115 14 NGM A "C2'" 
278 C "C3'" . NGM C . ? 0.1881 0.2074 0.1703 0.0238  -0.0583 -0.0334 14 NGM A "C3'" 
279 C "C4'" . NGM C . ? 0.2374 0.2419 0.2710 -0.0301 0.0067  0.0309  14 NGM A "C4'" 
280 C "C5'" . NGM C . ? 0.2025 0.2580 0.1498 0.0143  0.0648  -0.0174 14 NGM A "C5'" 
281 N N1    . NGM C . ? 0.1905 0.1984 0.1538 0.0248  -0.0013 0.0213  14 NGM A N1    
282 O O1    . NGM C . ? 0.1536 0.1875 0.1493 0.0316  0.0136  -0.0106 14 NGM A O1    
283 O O2    . NGM C . ? 0.1564 0.2841 0.1610 0.0261  0.0144  -0.0206 14 NGM A O2    
284 O O4    . NGM C . ? 0.2192 0.1778 0.1530 0.0197  -0.0078 0.1050  14 NGM A O4    
285 O O5    . NGM C . ? 0.1377 0.1798 0.2043 0.0812  -0.0169 0.0724  14 NGM A O5    
286 O O6    . NGM C . ? 0.2275 0.1446 0.1413 0.0546  0.0262  0.0468  14 NGM A O6    
287 O O7    . NGM C . ? 0.1643 0.1816 0.1579 0.0758  -0.0060 0.0366  14 NGM A O7    
288 O O9    . NGM C . ? 0.1701 0.2232 0.2819 -0.0028 0.0077  -0.0045 14 NGM A O9    
289 O O10   A NGM C . ? 0.2756 0.2318 0.1729 0.0817  -0.0402 0.0275  14 NGM A O10   
290 O O10   B NGM C . ? 0.1587 0.1467 0.1991 -0.0670 0.0235  -0.0197 14 NGM A O10   
291 O O14   A NGM C . ? 0.1112 0.1448 0.2726 0.0017  0.0169  0.0436  14 NGM A O14   
292 O O14   B NGM C . ? 0.0705 0.0839 0.4727 -0.0515 -0.0071 -0.0785 14 NGM A O14   
293 O O12   . NGM C . ? 0.1450 0.1378 0.1697 0.0343  -0.0083 0.0233  14 NGM A O12   
294 O O15   . NGM C . ? 0.2253 0.2221 0.1824 0.0779  0.0160  0.0159  14 NGM A O15   
295 O O16   . NGM C . ? 0.1915 0.2224 0.2526 0.0103  0.0101  0.0400  14 NGM A O16   
296 O "O1'" . NGM C . ? 0.2921 0.1596 0.2042 0.0591  0.0170  -0.0295 14 NGM A "O1'" 
297 O "O2'" . NGM C . ? 0.2904 0.2203 0.1794 0.0588  -0.0160 -0.0201 14 NGM A "O2'" 
298 O "O3'" . NGM C . ? 0.2380 0.2156 0.1608 0.0787  -0.0356 0.0128  14 NGM A "O3'" 
299 O "O4'" . NGM C . ? 0.2667 0.2900 0.2231 -0.0084 0.0896  -0.0317 14 NGM A "O4'" 
300 C C1    . NGM D . ? 0.0346 0.1191 0.1255 -0.0243 0.0009  0.0286  13 NGM B C1    
301 C C2    . NGM D . ? 0.0775 0.1266 0.0926 0.0265  0.0338  0.0326  13 NGM B C2    
302 C C3    . NGM D . ? 0.1021 0.1661 0.1003 -0.0127 0.0172  0.0479  13 NGM B C3    
303 C C4    . NGM D . ? 0.1069 0.1117 0.1163 0.0160  -0.0054 0.0286  13 NGM B C4    
304 C C5    . NGM D . ? 0.1092 0.1258 0.1108 0.0197  0.0091  0.0211  13 NGM B C5    
305 C C6    . NGM D . ? 0.0896 0.1372 0.1561 0.0150  -0.0189 0.0213  13 NGM B C6    
306 C C7    . NGM D . ? 0.0897 0.1220 0.1549 0.0254  0.0054  0.0163  13 NGM B C7    
307 C C8    . NGM D . ? 0.0709 0.2282 0.1191 -0.0169 -0.0418 0.0373  13 NGM B C8    
308 C C9    . NGM D . ? 0.1625 0.1645 0.0968 -0.0245 0.0104  0.0106  13 NGM B C9    
309 C C10   . NGM D . ? 0.1309 0.1704 0.1029 -0.0235 -0.0168 -0.0121 13 NGM B C10   
310 C C11   . NGM D . ? 0.0598 0.1606 0.0668 0.0181  0.0156  -0.0253 13 NGM B C11   
311 C C12   . NGM D . ? 0.0633 0.1487 0.1056 -0.0041 0.0046  -0.0202 13 NGM B C12   
312 C C13   . NGM D . ? 0.1190 0.1073 0.1594 -0.0325 -0.0113 0.0245  13 NGM B C13   
313 C C14   . NGM D . ? 0.1423 0.1864 0.1136 0.0439  0.0160  -0.0626 13 NGM B C14   
314 C C15   . NGM D . ? 0.3405 0.5634 0.8493 0.1729  -0.2062 0.1356  13 NGM B C15   
315 C C16   . NGM D . ? 0.0682 0.1300 0.1573 0.0376  -0.0407 0.0093  13 NGM B C16   
316 C C17   . NGM D . ? 0.1178 0.0904 0.1116 0.0195  -0.0129 0.0340  13 NGM B C17   
317 C C18   . NGM D . ? 0.1090 0.0932 0.1489 0.0120  -0.0051 0.0049  13 NGM B C18   
318 C C19   . NGM D . ? 0.1136 0.1437 0.0765 0.0424  -0.0464 0.0510  13 NGM B C19   
319 C C20   . NGM D . ? 0.1426 0.1667 0.0666 0.0652  0.0309  0.0091  13 NGM B C20   
320 C C21   . NGM D . ? 0.0883 0.1046 0.1145 -0.0080 -0.0178 0.0152  13 NGM B C21   
321 C C22   . NGM D . ? 0.1517 0.1806 0.1184 0.0077  -0.0263 0.0478  13 NGM B C22   
322 C C23   . NGM D . ? 0.2623 0.1480 0.1526 0.0139  0.0456  0.0569  13 NGM B C23   
323 C C24   . NGM D . ? 0.1753 0.1797 0.2507 0.1111  0.0375  -0.0818 13 NGM B C24   
324 C C25   . NGM D . ? 0.1822 0.3401 0.1926 0.0227  -0.0435 0.1314  13 NGM B C25   
325 C C26   . NGM D . ? 0.4064 0.2508 0.5359 0.0137  -0.2295 0.2435  13 NGM B C26   
326 C C27   . NGM D . ? 0.2617 0.1825 0.1184 0.0104  0.0470  -0.0207 13 NGM B C27   
327 C C28   . NGM D . ? 0.0945 0.2555 0.2378 -0.0373 -0.0572 0.0316  13 NGM B C28   
328 C C29   . NGM D . ? 0.1390 0.1982 0.2063 0.0233  -0.0397 -0.0841 13 NGM B C29   
329 C C30   . NGM D . ? 0.1452 0.1856 0.1072 0.0587  -0.0217 0.0473  13 NGM B C30   
330 C C31   . NGM D . ? 0.1865 0.1117 0.1502 -0.0588 -0.0373 -0.0060 13 NGM B C31   
331 C C32   . NGM D . ? 0.1487 0.1105 0.1219 0.0344  -0.0542 0.0439  13 NGM B C32   
332 C C33   . NGM D . ? 0.1129 0.2362 0.1619 0.0318  -0.0197 0.0063  13 NGM B C33   
333 C C34   . NGM D . ? 0.1049 0.1087 0.1205 0.0067  -0.0265 0.0230  13 NGM B C34   
334 C "C1'" . NGM D . ? 0.2272 0.1783 0.1164 -0.0116 -0.0611 -0.0524 13 NGM B "C1'" 
335 C "C2'" . NGM D . ? 0.2030 0.1017 0.2180 -0.0366 0.0316  0.0251  13 NGM B "C2'" 
336 C "C3'" . NGM D . ? 0.2274 0.2356 0.1175 0.0513  0.0838  0.0375  13 NGM B "C3'" 
337 C "C4'" . NGM D . ? 0.1277 0.2342 0.1684 0.0156  -0.0516 0.0464  13 NGM B "C4'" 
338 C "C5'" . NGM D . ? 0.0919 0.2504 0.1539 0.0122  -0.0525 0.0020  13 NGM B "C5'" 
339 N N1    . NGM D . ? 0.1751 0.0794 0.1774 0.0753  -0.0572 0.0183  13 NGM B N1    
340 O O1    . NGM D . ? 0.1088 0.1641 0.0874 -0.0049 -0.0083 0.0073  13 NGM B O1    
341 O O2    . NGM D . ? 0.1460 0.1833 0.1118 -0.0138 0.0008  0.0375  13 NGM B O2    
342 O O4    . NGM D . ? 0.0805 0.1281 0.1342 0.0085  -0.0049 0.0126  13 NGM B O4    
343 O O5    . NGM D . ? 0.1029 0.1068 0.1125 0.0223  -0.0106 0.0323  13 NGM B O5    
344 O O6    . NGM D . ? 0.0897 0.1376 0.1342 0.0240  -0.0149 0.0045  13 NGM B O6    
345 O O7    . NGM D . ? 0.1031 0.1362 0.1351 -0.0220 -0.0292 0.0162  13 NGM B O7    
346 O O9    . NGM D . ? 0.1080 0.1793 0.1952 -0.0264 -0.0380 -0.0265 13 NGM B O9    
347 O O10   . NGM D . ? 0.1354 0.2167 0.1494 0.0103  -0.0113 -0.0448 13 NGM B O10   
348 O O14   . NGM D . ? 0.1418 0.2163 0.1250 0.0318  -0.0375 -0.0206 13 NGM B O14   
349 O O12   . NGM D . ? 0.0703 0.1475 0.1535 -0.0098 -0.0138 0.0049  13 NGM B O12   
350 O O15   . NGM D . ? 0.1523 0.2205 0.1657 0.0446  -0.0255 -0.0087 13 NGM B O15   
351 O O16   . NGM D . ? 0.1619 0.1665 0.1515 0.0352  -0.0172 0.0539  13 NGM B O16   
352 O "O1'" . NGM D . ? 0.1733 0.1772 0.1214 0.0214  -0.0457 0.0226  13 NGM B "O1'" 
353 O "O2'" . NGM D . ? 0.1180 0.1299 0.1810 -0.0209 -0.0053 0.0410  13 NGM B "O2'" 
354 O "O3'" . NGM D . ? 0.1590 0.2153 0.1763 0.0128  -0.0558 0.0229  13 NGM B "O3'" 
355 O "O4'" . NGM D . ? 0.2344 0.2521 0.2031 -0.0177 -0.0209 0.1319  13 NGM B "O4'" 
356 O O     . HOH E . ? 0.1247 0.1837 0.1929 -0.0035 -0.0500 -0.0355 16 HOH A O     
357 O O     . HOH E . ? 0.1490 0.2008 0.2005 -0.0095 -0.0314 -0.0417 18 HOH A O     
358 O O     . HOH E . ? 0.2267 0.2035 0.1461 0.0303  0.0019  0.0155  19 HOH A O     
359 O O     . HOH E . ? 0.1567 0.1683 0.2031 0.0330  -0.0267 0.0202  20 HOH A O     
360 O O     . HOH E . ? 0.1920 0.1758 0.1994 0.0190  0.0043  0.0059  21 HOH A O     
361 O O     . HOH E . ? 0.2987 0.2184 0.1641 0.0043  -0.0723 0.0380  22 HOH A O     
362 O O     . HOH E . ? 0.3964 0.3442 0.2691 -0.0932 -0.1124 0.0294  24 HOH A O     
363 O O     . HOH E . ? 0.2490 0.3320 0.2806 -0.0787 -0.0969 -0.0350 25 HOH A O     
364 O O     . HOH E . ? 0.2157 0.2180 0.2026 -0.0357 0.0110  -0.0060 29 HOH A O     
365 O O     . HOH E . ? 0.3063 0.3124 0.1728 0.0315  -0.0091 -0.0018 31 HOH A O     
366 O O     . HOH E . ? 0.3192 0.5003 0.3059 0.0090  -0.0491 0.0225  32 HOH A O     
367 O O     . HOH E . ? 0.3998 0.3261 0.2621 0.0689  0.0936  -0.0692 33 HOH A O     
368 O O     . HOH E . ? 0.3827 0.3159 0.3336 0.1247  0.1286  -0.0783 34 HOH A O     
369 O O     . HOH E . ? 0.3413 0.2456 0.6285 0.0697  0.0766  -0.0318 35 HOH A O     
370 O O     . HOH E . ? 0.2085 0.3148 0.3472 -0.0491 -0.0666 0.0426  36 HOH A O     
371 O O     . HOH E . ? 0.4117 0.3286 0.4108 0.0280  -0.0208 0.1615  37 HOH A O     
372 O O     . HOH E . ? 0.2976 0.2335 0.4042 -0.1451 0.0378  0.1063  42 HOH A O     
373 O O     . HOH E . ? 0.2416 0.3042 0.3083 0.0239  -0.0880 0.0889  43 HOH A O     
374 O O     . HOH E . ? 0.2657 0.3019 0.3141 0.0617  0.0342  -0.0727 44 HOH A O     
375 O O     . HOH E . ? 0.4231 0.4088 0.3075 -0.0287 -0.0519 -0.0013 47 HOH A O     
376 O O     . HOH E . ? 0.2385 0.4215 0.4813 0.0877  0.0706  -0.1997 48 HOH A O     
377 O O     . HOH E . ? 0.2042 0.3676 0.3647 -0.0504 -0.0598 0.1192  51 HOH A O     
378 O O     . HOH E . ? 0.4692 0.3733 0.2354 0.1085  -0.0892 -0.0235 52 HOH A O     
379 O O     . HOH E . ? 0.4222 0.3094 0.3125 0.0129  -0.0517 0.0609  53 HOH A O     
380 O O     . HOH E . ? 0.5174 0.4125 0.1869 0.1483  0.0050  -0.0098 54 HOH A O     
381 O O     . HOH E . ? 0.4790 0.3146 0.2927 0.0849  0.0511  -0.0352 55 HOH A O     
382 O O     . HOH E . ? 0.5439 0.4527 0.4841 -0.1173 -0.0193 0.1591  58 HOH A O     
383 O O     . HOH E . ? 0.6393 0.3039 0.3483 -0.1101 0.0923  0.0091  59 HOH A O     
384 O O     . HOH E . ? 0.3194 0.2981 0.6172 -0.0552 0.0405  -0.1800 60 HOH A O     
385 O O     . HOH E . ? 0.5532 0.4111 0.4355 -0.0978 0.1896  0.1648  61 HOH A O     
386 O O     . HOH E . ? 0.5839 0.3811 0.4115 0.0398  -0.0252 0.1442  63 HOH A O     
387 O O     . HOH E . ? 0.3592 0.5418 0.4576 -0.1440 0.0450  0.0037  66 HOH A O     
388 O O     . HOH E . ? 0.5540 0.5803 0.3488 -0.0569 0.0104  0.1743  67 HOH A O     
389 O O     . HOH E . ? 0.5367 0.3140 0.4067 0.0907  0.0454  0.0229  68 HOH A O     
390 O O     . HOH E . ? 0.5365 0.5194 0.2479 0.0214  0.0854  0.0022  69 HOH A O     
391 O O     . HOH E . ? 0.5677 0.5747 0.4473 0.1782  0.0642  -0.0240 72 HOH A O     
392 O O     . HOH E . ? 0.4319 0.4715 0.4130 0.0317  0.0208  -0.0485 73 HOH A O     
393 O O     . HOH E . ? 0.5540 0.4634 0.2824 0.1578  -0.0062 -0.0321 74 HOH A O     
394 O O     . HOH E . ? 0.5435 0.4841 0.4803 -0.0390 0.0888  -0.2269 76 HOH A O     
395 O O     . HOH E . ? 0.5989 0.6096 0.6601 -0.1196 0.0080  -0.0838 77 HOH A O     
396 O O     . HOH E . ? 0.3781 0.4181 0.6471 -0.0805 -0.0274 0.1617  78 HOH A O     
397 O O     . HOH E . ? 0.6905 0.6700 0.5819 0.1037  0.0532  0.2404  79 HOH A O     
398 O O     . HOH E . ? 0.6845 0.5617 0.5822 -0.1098 0.0238  0.0665  80 HOH A O     
399 O O     . HOH F . ? 0.1457 0.2045 0.1293 0.0105  -0.0232 -0.0158 15 HOH B O     
400 O O     . HOH F . ? 0.2045 0.1731 0.2477 0.0269  -0.0786 0.0402  17 HOH B O     
401 O O     . HOH F . ? 0.1432 0.2093 0.2438 -0.0208 -0.0159 0.0104  23 HOH B O     
402 O O     . HOH F . ? 0.3163 0.2334 0.4510 -0.0100 0.0333  0.0845  26 HOH B O     
403 O O     . HOH F . ? 0.3218 0.2527 0.2348 0.1396  0.0433  -0.0046 27 HOH B O     
404 O O     . HOH F . ? 0.2403 0.3255 0.2457 -0.0026 -0.0621 -0.0060 28 HOH B O     
405 O O     . HOH F . ? 0.2850 0.2004 0.2711 0.0724  0.0171  0.1059  30 HOH B O     
406 O O     . HOH F . ? 0.2532 0.2272 0.3039 0.0511  0.0448  0.0083  38 HOH B O     
407 O O     . HOH F . ? 0.1719 0.2490 0.4857 -0.0127 -0.0273 -0.1346 39 HOH B O     
408 O O     . HOH F . ? 0.2570 0.2701 0.5232 0.0757  -0.1327 0.0270  40 HOH B O     
409 O O     . HOH F . ? 0.2789 0.2818 0.5524 -0.0174 -0.0346 0.0214  41 HOH B O     
410 O O     . HOH F . ? 0.3994 0.4669 0.2053 0.0659  -0.0078 -0.0139 45 HOH B O     
411 O O     . HOH F . ? 0.5647 0.3165 0.3526 0.1486  0.0703  0.0946  46 HOH B O     
412 O O     . HOH F . ? 0.3013 0.3857 0.3172 0.0193  0.0607  0.0526  49 HOH B O     
413 O O     . HOH F . ? 0.5296 0.3912 0.1500 0.2070  0.0011  0.0476  50 HOH B O     
414 O O     . HOH F . ? 0.2482 0.4855 0.5476 0.1033  -0.1333 0.0240  56 HOH B O     
415 O O     . HOH F . ? 0.4555 0.5268 0.6427 0.2499  0.0020  -0.0661 57 HOH B O     
416 O O     . HOH F . ? 0.4007 0.3178 0.3993 0.0225  -0.0199 0.1164  62 HOH B O     
417 O O     . HOH F . ? 0.3826 0.5879 0.3120 0.0880  0.1264  0.1267  64 HOH B O     
418 O O     . HOH F . ? 0.3982 0.4434 0.5689 -0.1564 -0.0065 -0.1043 65 HOH B O     
419 O O     . HOH F . ? 0.4462 0.2980 0.6664 -0.1088 0.1033  0.0686  70 HOH B O     
420 O O     . HOH F . ? 0.6908 0.7368 0.7170 0.1027  -0.0210 -0.0823 71 HOH B O     
421 O O     . HOH F . ? 0.8186 0.3817 0.5022 -0.0544 0.0160  0.3339  75 HOH B O     
# 
